data_5EMK
#
_entry.id   5EMK
#
_cell.length_a   102.790
_cell.length_b   137.750
_cell.length_c   178.520
_cell.angle_alpha   90.000
_cell.angle_beta   90.000
_cell.angle_gamma   90.000
#
_symmetry.space_group_name_H-M   'I 2 2 2'
#
loop_
_entity.id
_entity.type
_entity.pdbx_description
1 polymer 'Protein arginine N-methyltransferase 5'
2 polymer 'Methylosome protein 50'
3 non-polymer SINEFUNGIN
4 non-polymer ~{N}-[(2~{S})-3-(3,4-dihydro-1~{H}-isoquinolin-2-yl)-2-oxidanyl-propyl]-3-pyridin-2-yl-benzamide
5 non-polymer GLYCEROL
6 water water
#
loop_
_entity_poly.entity_id
_entity_poly.type
_entity_poly.pdbx_seq_one_letter_code
_entity_poly.pdbx_strand_id
1 'polypeptide(L)'
;MDYKDDDDKAAMAVGGAGGSRVSSGRDLNCVPEIADTLGAVAKQGFDFLCMPVFHPRFKREFIQEPAKNRPGPQTRSDLL
LSGRDWNTLIVGKLSPWIRPDSKVEKIRRNSEAAMLQELNFGAYLGLPAFLLPLNQEDNTNLARVLTNHIHTGHHSSMFW
MRVPLVAPEDLRDDIIENAPTTHTEEYSGEEKTWMWWHNFRTLCDYSKRIAVALEIGADLPSNHVIDRWLGEPIKAAILP
TSIFLTNKKGFPVLSKMHQRLIFRLLKLEVQFIITGTNHHSEKEFCSYLQYLEYLSQNRPPPNAYELFAKGYEDYLQSPL
QPLMDNLESQTYEVFEKDPIKYSQYQQAIYKCLLDRVPEEEKDTNVQVLMVLGAGRGPLVNASLRAAKQADRRIKLYAVE
KNPNAVVTLENWQFEEWGSQVTVVSSDMREWVAPEKADIIVSELLGSFADNELSPECLDGAQHFLKDDGVSIPGEYTSFL
APISSSKLYNEVRACREKDRDPEAQFEMPYVVRLHNFHQLSAPQPCFTFSHPNRDPMIDNNRYCTLEFPVEVNTVLHGFA
GYFETVLYQDITLSIRPETHSPGMFSWFPILFPIKQPITVREGQTICVRFWRCSNSKKVWYEWAVTAPVCSAIHNPTGRS
YTIGL
;
A
2 'polypeptide(L)'
;MHHHHHHHHRKETPPPLVPPAAREWNLPPNAPACMERQLEAARYRSDGALLLGASSLSGRCWAGSLWLFKDPCAAPNEGF
CSAGVQTEAGVADLTWVGERGILVASDSGAVELWELDENETLIVSKFCKYEHDDIVSTVSVLSSGTQAVSGSKDICIKVW
DLAQQVVLSSYRAHAAQVTCVAASPHKDSVFLSCSEDNRILLWDTRCPKPASQIGCSAPGYLPTSLAWHPQQSEVFVFGD
ENGTVSLVDTKSTSCVLSSAVHSQCVTGLVFSPHSVPFLASLSEDCSLAVLDSSLSELFRSQAHRDFVRDATWSPLNHSL
LTTVGWDHQVVHHVVPTEPLPAPGPASVTE
;
B
#
loop_
_chem_comp.id
_chem_comp.type
_chem_comp.name
_chem_comp.formula
5QH non-polymer ~{N}-[(2~{S})-3-(3,4-dihydro-1~{H}-isoquinolin-2-yl)-2-oxidanyl-propyl]-3-pyridin-2-yl-benzamide 'C24 H25 N3 O2'
GOL non-polymer GLYCEROL 'C3 H8 O3'
SFG non-polymer SINEFUNGIN 'C15 H23 N7 O5'
#
# COMPACT_ATOMS: atom_id res chain seq x y z
N ARG A 21 12.57 16.81 1.08
CA ARG A 21 13.21 15.62 0.46
C ARG A 21 12.39 14.35 0.70
N VAL A 22 12.35 13.50 -0.32
CA VAL A 22 11.58 12.26 -0.29
C VAL A 22 12.41 11.10 0.24
N SER A 23 11.72 10.10 0.79
CA SER A 23 12.34 8.80 1.02
C SER A 23 11.78 7.82 0.02
N SER A 24 12.67 7.29 -0.79
CA SER A 24 12.27 6.47 -1.92
C SER A 24 13.10 5.20 -1.94
N GLY A 25 12.65 4.23 -2.74
CA GLY A 25 13.27 2.93 -2.78
C GLY A 25 13.04 2.30 -4.13
N ARG A 26 14.00 1.47 -4.56
CA ARG A 26 13.94 0.75 -5.84
C ARG A 26 13.32 -0.64 -5.68
N ASP A 27 12.43 -1.01 -6.60
CA ASP A 27 11.88 -2.37 -6.57
C ASP A 27 12.49 -3.20 -7.67
N LEU A 28 13.09 -4.31 -7.32
CA LEU A 28 13.63 -5.19 -8.34
C LEU A 28 13.05 -6.59 -8.20
N ASN A 29 12.98 -7.30 -9.32
CA ASN A 29 12.67 -8.68 -9.19
C ASN A 29 13.78 -9.57 -9.71
N CYS A 30 15.00 -9.04 -9.67
CA CYS A 30 16.19 -9.68 -10.22
C CYS A 30 17.43 -9.08 -9.60
N VAL A 31 18.18 -9.86 -8.83
CA VAL A 31 19.41 -9.39 -8.19
C VAL A 31 20.48 -10.47 -8.34
N PRO A 32 21.24 -10.41 -9.46
CA PRO A 32 22.33 -11.35 -9.73
C PRO A 32 23.37 -11.36 -8.61
N GLU A 33 23.71 -10.18 -8.08
CA GLU A 33 24.61 -10.14 -6.92
C GLU A 33 24.25 -9.01 -5.98
N ILE A 34 23.95 -9.39 -4.74
CA ILE A 34 23.38 -8.45 -3.78
C ILE A 34 24.30 -7.28 -3.44
N ALA A 35 25.61 -7.56 -3.37
CA ALA A 35 26.64 -6.56 -3.05
C ALA A 35 26.63 -5.44 -4.08
N ASP A 36 26.73 -5.82 -5.35
CA ASP A 36 26.82 -4.86 -6.44
C ASP A 36 25.52 -4.09 -6.62
N THR A 37 24.41 -4.84 -6.71
CA THR A 37 23.10 -4.27 -6.92
C THR A 37 22.79 -3.16 -5.91
N LEU A 38 23.04 -3.44 -4.64
CA LEU A 38 22.83 -2.46 -3.59
C LEU A 38 23.64 -1.21 -3.89
N GLY A 39 24.88 -1.40 -4.33
CA GLY A 39 25.78 -0.29 -4.69
C GLY A 39 25.17 0.57 -5.78
N ALA A 40 24.78 -0.07 -6.88
CA ALA A 40 24.11 0.63 -7.98
C ALA A 40 22.98 1.53 -7.50
N VAL A 41 22.08 0.97 -6.69
CA VAL A 41 20.86 1.70 -6.30
C VAL A 41 21.10 2.79 -5.27
N ALA A 42 22.11 2.61 -4.42
CA ALA A 42 22.61 3.71 -3.59
C ALA A 42 23.15 4.81 -4.49
N LYS A 43 24.07 4.43 -5.39
CA LYS A 43 24.66 5.35 -6.37
C LYS A 43 23.58 6.12 -7.11
N GLN A 44 22.52 5.41 -7.49
CA GLN A 44 21.38 5.99 -8.20
C GLN A 44 20.54 6.95 -7.34
N GLY A 45 20.77 6.98 -6.02
CA GLY A 45 20.01 7.88 -5.12
C GLY A 45 19.04 7.26 -4.11
N PHE A 46 18.65 6.00 -4.30
CA PHE A 46 17.60 5.39 -3.46
C PHE A 46 18.02 5.13 -2.01
N ASP A 47 17.10 5.38 -1.08
CA ASP A 47 17.30 5.07 0.35
C ASP A 47 17.22 3.59 0.71
N PHE A 48 16.54 2.78 -0.11
CA PHE A 48 16.40 1.34 0.19
C PHE A 48 16.03 0.50 -1.02
N LEU A 49 16.08 -0.82 -0.85
CA LEU A 49 15.86 -1.78 -1.92
C LEU A 49 14.77 -2.79 -1.61
N CYS A 50 13.87 -3.02 -2.56
CA CYS A 50 12.92 -4.13 -2.47
C CYS A 50 13.32 -5.25 -3.40
N MET A 51 13.71 -6.38 -2.83
CA MET A 51 14.15 -7.52 -3.60
C MET A 51 13.66 -8.82 -3.00
N PRO A 52 13.80 -9.93 -3.74
CA PRO A 52 13.39 -11.23 -3.23
C PRO A 52 14.42 -11.81 -2.25
N VAL A 53 13.97 -12.68 -1.36
CA VAL A 53 14.90 -13.25 -0.38
C VAL A 53 15.28 -14.65 -0.79
N PHE A 54 14.50 -15.18 -1.72
CA PHE A 54 14.77 -16.44 -2.39
C PHE A 54 14.61 -16.12 -3.85
N HIS A 55 15.23 -16.91 -4.73
CA HIS A 55 15.00 -16.71 -6.16
C HIS A 55 13.51 -16.83 -6.55
N PRO A 56 12.99 -15.81 -7.24
CA PRO A 56 11.58 -15.76 -7.57
C PRO A 56 11.13 -16.96 -8.38
N ARG A 57 12.08 -17.64 -9.03
CA ARG A 57 11.76 -18.79 -9.88
C ARG A 57 12.04 -20.13 -9.22
N PHE A 58 12.60 -20.08 -8.02
CA PHE A 58 13.10 -21.25 -7.34
C PHE A 58 11.97 -21.99 -6.56
N LYS A 59 11.03 -22.60 -7.26
CA LYS A 59 9.91 -23.25 -6.62
C LYS A 59 10.46 -24.36 -5.78
N ARG A 60 9.99 -24.46 -4.53
CA ARG A 60 10.41 -25.52 -3.61
C ARG A 60 9.27 -26.48 -3.28
N GLU A 61 9.62 -27.73 -3.06
CA GLU A 61 8.66 -28.79 -2.73
C GLU A 61 8.88 -29.14 -1.27
N PHE A 62 7.79 -29.38 -0.54
CA PHE A 62 7.86 -29.61 0.90
C PHE A 62 7.34 -30.97 1.33
N ILE A 63 6.61 -31.64 0.44
CA ILE A 63 5.92 -32.86 0.84
C ILE A 63 6.33 -34.10 0.02
N GLN A 64 6.55 -33.94 -1.29
CA GLN A 64 6.76 -35.09 -2.19
C GLN A 64 8.21 -35.39 -2.54
N GLU A 65 8.54 -36.68 -2.49
CA GLU A 65 9.84 -37.17 -2.95
C GLU A 65 9.84 -37.32 -4.47
N PRO A 66 10.97 -37.05 -5.12
CA PRO A 66 12.29 -36.66 -4.60
C PRO A 66 12.51 -35.18 -4.27
N ALA A 67 11.88 -34.27 -5.02
CA ALA A 67 12.18 -32.82 -4.92
C ALA A 67 12.26 -32.22 -3.50
N LYS A 68 11.50 -32.79 -2.58
CA LYS A 68 11.58 -32.50 -1.15
C LYS A 68 13.05 -32.45 -0.71
N ASN A 69 13.81 -33.49 -1.05
CA ASN A 69 15.20 -33.66 -0.60
C ASN A 69 16.27 -32.91 -1.43
N ARG A 70 15.83 -31.96 -2.23
CA ARG A 70 16.75 -31.16 -2.99
C ARG A 70 17.90 -30.65 -2.11
N PRO A 71 19.15 -30.96 -2.48
CA PRO A 71 20.36 -30.45 -1.83
C PRO A 71 20.33 -28.93 -1.70
N GLY A 72 20.78 -28.40 -0.57
CA GLY A 72 20.77 -26.95 -0.30
C GLY A 72 22.06 -26.34 -0.83
N PRO A 73 22.35 -25.05 -0.54
CA PRO A 73 21.60 -24.03 0.23
C PRO A 73 20.23 -23.74 -0.38
N GLN A 74 19.30 -23.26 0.44
CA GLN A 74 18.00 -22.90 -0.06
C GLN A 74 18.00 -21.50 -0.64
N THR A 75 18.89 -20.64 -0.14
CA THR A 75 19.04 -19.31 -0.70
C THR A 75 20.44 -18.77 -0.37
N ARG A 76 20.69 -17.51 -0.71
CA ARG A 76 21.99 -16.91 -0.44
C ARG A 76 22.14 -16.53 1.04
N SER A 77 23.39 -16.34 1.46
CA SER A 77 23.74 -16.22 2.88
C SER A 77 23.53 -14.82 3.47
N ASP A 78 23.08 -14.79 4.72
CA ASP A 78 22.99 -13.54 5.49
C ASP A 78 24.30 -12.80 5.64
N LEU A 79 25.41 -13.53 5.54
CA LEU A 79 26.72 -12.94 5.74
C LEU A 79 27.07 -11.93 4.67
N LEU A 80 26.39 -12.04 3.52
CA LEU A 80 26.56 -11.09 2.41
C LEU A 80 26.26 -9.64 2.77
N LEU A 81 25.52 -9.41 3.87
CA LEU A 81 25.28 -8.05 4.37
C LEU A 81 25.54 -7.89 5.86
N SER A 82 25.86 -6.68 6.30
CA SER A 82 25.84 -6.40 7.74
C SER A 82 24.40 -6.38 8.29
N GLY A 83 24.26 -6.73 9.57
CA GLY A 83 22.98 -6.54 10.27
C GLY A 83 22.41 -5.17 9.97
N ARG A 84 23.20 -4.14 10.21
CA ARG A 84 22.80 -2.76 9.93
C ARG A 84 22.15 -2.71 8.55
N ASP A 85 22.78 -3.34 7.55
CA ASP A 85 22.31 -3.21 6.17
C ASP A 85 20.96 -3.88 5.98
N TRP A 86 20.83 -5.06 6.57
CA TRP A 86 19.61 -5.81 6.53
C TRP A 86 18.48 -5.04 7.21
N ASN A 87 18.70 -4.58 8.44
CA ASN A 87 17.64 -3.90 9.21
C ASN A 87 17.19 -2.63 8.53
N THR A 88 18.09 -2.02 7.76
CA THR A 88 17.80 -0.69 7.25
C THR A 88 17.64 -0.58 5.75
N LEU A 89 18.22 -1.49 4.99
CA LEU A 89 18.27 -1.24 3.55
C LEU A 89 17.41 -2.15 2.69
N ILE A 90 16.96 -3.25 3.27
CA ILE A 90 16.30 -4.27 2.48
C ILE A 90 14.87 -4.57 2.90
N VAL A 91 13.96 -4.32 1.97
CA VAL A 91 12.57 -4.73 2.07
C VAL A 91 12.43 -6.03 1.28
N GLY A 92 11.98 -7.10 1.96
CA GLY A 92 11.78 -8.40 1.33
C GLY A 92 10.50 -8.49 0.48
N LYS A 93 10.50 -9.41 -0.48
CA LYS A 93 9.33 -9.70 -1.31
C LYS A 93 9.00 -11.17 -1.25
N LEU A 94 7.71 -11.47 -1.19
CA LEU A 94 7.25 -12.84 -1.26
C LEU A 94 7.47 -13.41 -2.66
N SER A 95 8.00 -14.62 -2.75
CA SER A 95 8.15 -15.22 -4.07
C SER A 95 6.80 -15.29 -4.81
N PRO A 96 6.78 -14.85 -6.09
CA PRO A 96 5.50 -14.68 -6.77
C PRO A 96 4.83 -15.98 -7.13
N TRP A 97 5.45 -17.12 -6.85
CA TRP A 97 4.83 -18.38 -7.23
C TRP A 97 3.97 -18.92 -6.07
N ILE A 98 4.07 -18.27 -4.92
CA ILE A 98 3.46 -18.69 -3.68
C ILE A 98 1.99 -18.28 -3.70
N ARG A 99 1.11 -19.28 -3.65
CA ARG A 99 -0.32 -19.05 -3.83
C ARG A 99 -1.14 -19.81 -2.78
N PRO A 100 -1.26 -19.24 -1.56
CA PRO A 100 -1.94 -19.94 -0.46
C PRO A 100 -3.41 -20.18 -0.75
N ASP A 101 -3.94 -19.45 -1.73
CA ASP A 101 -5.35 -19.57 -2.06
C ASP A 101 -5.59 -20.21 -3.41
N SER A 102 -4.62 -20.97 -3.88
CA SER A 102 -4.83 -21.84 -5.04
C SER A 102 -6.06 -22.71 -4.81
N LYS A 103 -6.67 -23.09 -5.92
CA LYS A 103 -7.75 -24.05 -5.98
C LYS A 103 -7.21 -25.45 -5.80
N VAL A 104 -5.90 -25.63 -5.93
CA VAL A 104 -5.28 -26.95 -5.98
C VAL A 104 -4.70 -27.21 -4.63
N GLU A 105 -5.10 -28.31 -4.01
CA GLU A 105 -4.64 -28.61 -2.66
C GLU A 105 -3.12 -28.61 -2.50
N LYS A 106 -2.44 -29.33 -3.38
CA LYS A 106 -1.00 -29.51 -3.27
C LYS A 106 -0.24 -28.21 -3.34
N ILE A 107 -0.69 -27.32 -4.23
CA ILE A 107 -0.08 -26.00 -4.39
C ILE A 107 -0.32 -25.15 -3.17
N ARG A 108 -1.50 -25.34 -2.60
CA ARG A 108 -1.93 -24.57 -1.47
C ARG A 108 -1.08 -24.98 -0.28
N ARG A 109 -0.82 -26.28 -0.11
CA ARG A 109 0.07 -26.79 0.96
C ARG A 109 1.51 -26.30 0.81
N ASN A 110 2.08 -26.44 -0.38
CA ASN A 110 3.44 -25.96 -0.59
C ASN A 110 3.53 -24.47 -0.36
N SER A 111 2.51 -23.76 -0.80
CA SER A 111 2.49 -22.32 -0.60
C SER A 111 2.44 -21.96 0.90
N GLU A 112 1.57 -22.65 1.66
CA GLU A 112 1.50 -22.46 3.10
CA GLU A 112 1.52 -22.50 3.13
C GLU A 112 2.94 -22.52 3.65
N ALA A 113 3.61 -23.68 3.50
CA ALA A 113 4.99 -23.87 3.98
C ALA A 113 6.04 -22.90 3.37
N ALA A 114 5.95 -22.67 2.08
CA ALA A 114 6.87 -21.77 1.37
C ALA A 114 6.83 -20.36 1.95
N MET A 115 5.59 -19.87 2.18
CA MET A 115 5.32 -18.55 2.75
C MET A 115 5.88 -18.46 4.15
N LEU A 116 5.57 -19.46 4.97
CA LEU A 116 6.16 -19.49 6.30
C LEU A 116 7.67 -19.35 6.25
N GLN A 117 8.27 -20.11 5.35
CA GLN A 117 9.71 -20.20 5.26
C GLN A 117 10.27 -18.84 4.86
N GLU A 118 9.63 -18.20 3.90
CA GLU A 118 10.12 -16.92 3.45
C GLU A 118 9.92 -15.90 4.54
N LEU A 119 8.78 -16.00 5.24
CA LEU A 119 8.51 -15.03 6.29
C LEU A 119 9.45 -15.18 7.46
N ASN A 120 9.70 -16.42 7.85
CA ASN A 120 10.63 -16.73 8.94
C ASN A 120 12.02 -16.24 8.61
N PHE A 121 12.38 -16.36 7.33
CA PHE A 121 13.66 -15.89 6.86
C PHE A 121 13.80 -14.38 6.96
N GLY A 122 12.75 -13.64 6.65
CA GLY A 122 12.82 -12.18 6.78
C GLY A 122 13.03 -11.77 8.22
N ALA A 123 12.31 -12.45 9.11
CA ALA A 123 12.40 -12.22 10.56
C ALA A 123 13.81 -12.51 11.04
N TYR A 124 14.32 -13.68 10.66
CA TYR A 124 15.70 -14.05 10.90
C TYR A 124 16.68 -12.94 10.52
N LEU A 125 16.45 -12.27 9.39
CA LEU A 125 17.40 -11.28 8.89
C LEU A 125 17.18 -9.94 9.56
N GLY A 126 16.00 -9.80 10.16
CA GLY A 126 15.59 -8.57 10.82
C GLY A 126 15.20 -7.53 9.79
N LEU A 127 14.60 -7.97 8.68
CA LEU A 127 14.16 -6.99 7.68
C LEU A 127 13.17 -6.03 8.32
N PRO A 128 13.22 -4.74 7.93
CA PRO A 128 12.32 -3.75 8.51
C PRO A 128 10.91 -3.87 7.97
N ALA A 129 10.79 -4.31 6.72
CA ALA A 129 9.50 -4.52 6.06
C ALA A 129 9.56 -5.64 5.03
N PHE A 130 8.39 -6.02 4.53
CA PHE A 130 8.24 -7.22 3.73
C PHE A 130 6.91 -7.11 2.97
N LEU A 131 6.98 -7.29 1.65
CA LEU A 131 5.86 -7.04 0.72
C LEU A 131 5.14 -8.31 0.34
N LEU A 132 3.81 -8.29 0.40
CA LEU A 132 3.00 -9.42 -0.05
C LEU A 132 1.92 -8.88 -0.97
N PRO A 133 1.61 -9.58 -2.09
CA PRO A 133 0.57 -9.06 -2.99
C PRO A 133 -0.90 -9.38 -2.56
N LEU A 134 -1.81 -8.44 -2.80
CA LEU A 134 -3.24 -8.73 -2.93
C LEU A 134 -3.63 -8.46 -4.38
N ASN A 135 -3.72 -9.51 -5.18
CA ASN A 135 -3.94 -9.37 -6.61
C ASN A 135 -5.16 -10.19 -7.04
N GLN A 136 -5.89 -10.66 -6.05
CA GLN A 136 -7.20 -11.29 -6.29
C GLN A 136 -8.16 -10.96 -5.17
N GLU A 137 -9.44 -11.21 -5.43
CA GLU A 137 -10.47 -11.10 -4.40
C GLU A 137 -10.19 -11.97 -3.16
N ASP A 138 -10.00 -13.27 -3.34
CA ASP A 138 -9.91 -14.15 -2.18
C ASP A 138 -8.50 -14.33 -1.60
N ASN A 139 -8.26 -13.76 -0.43
CA ASN A 139 -6.98 -13.96 0.21
C ASN A 139 -7.08 -14.55 1.61
N THR A 140 -8.12 -15.34 1.81
CA THR A 140 -8.42 -15.83 3.14
C THR A 140 -7.25 -16.64 3.72
N ASN A 141 -6.71 -17.56 2.93
CA ASN A 141 -5.63 -18.40 3.45
C ASN A 141 -4.29 -17.67 3.59
N LEU A 142 -4.06 -16.69 2.72
CA LEU A 142 -2.90 -15.77 2.85
C LEU A 142 -2.96 -15.07 4.21
N ALA A 143 -4.08 -14.39 4.45
CA ALA A 143 -4.39 -13.75 5.73
C ALA A 143 -4.09 -14.70 6.89
N ARG A 144 -4.66 -15.92 6.88
CA ARG A 144 -4.46 -16.85 7.97
C ARG A 144 -2.99 -17.15 8.20
N VAL A 145 -2.29 -17.55 7.16
CA VAL A 145 -0.88 -17.82 7.35
C VAL A 145 -0.16 -16.59 7.90
N LEU A 146 -0.50 -15.40 7.42
CA LEU A 146 0.20 -14.25 7.93
C LEU A 146 -0.16 -14.05 9.40
N THR A 147 -1.47 -13.99 9.67
CA THR A 147 -1.96 -13.90 11.06
C THR A 147 -1.21 -14.92 11.91
N ASN A 148 -1.11 -16.16 11.40
CA ASN A 148 -0.37 -17.14 12.19
C ASN A 148 1.04 -16.68 12.49
N HIS A 149 1.80 -16.31 11.46
CA HIS A 149 3.18 -15.82 11.62
C HIS A 149 3.25 -14.65 12.57
N ILE A 150 2.32 -13.71 12.42
CA ILE A 150 2.39 -12.51 13.25
C ILE A 150 2.39 -12.88 14.74
N HIS A 151 1.59 -13.88 15.13
CA HIS A 151 1.50 -14.30 16.54
C HIS A 151 2.48 -15.42 16.90
N THR A 152 3.63 -15.46 16.24
CA THR A 152 4.66 -16.48 16.50
C THR A 152 6.00 -15.79 16.65
N GLY A 153 6.53 -15.76 17.88
CA GLY A 153 7.74 -15.02 18.22
C GLY A 153 7.37 -13.60 18.61
N HIS A 154 8.37 -12.71 18.65
CA HIS A 154 8.13 -11.29 18.91
C HIS A 154 9.01 -10.48 17.95
N HIS A 155 8.38 -9.69 17.07
CA HIS A 155 9.11 -8.77 16.18
C HIS A 155 8.26 -7.56 15.78
N SER A 156 8.92 -6.48 15.37
CA SER A 156 8.22 -5.24 15.06
C SER A 156 8.10 -5.03 13.56
N SER A 157 8.74 -5.92 12.78
CA SER A 157 8.72 -5.90 11.31
C SER A 157 7.37 -5.50 10.65
N MET A 158 7.40 -4.68 9.59
CA MET A 158 6.17 -4.25 8.91
C MET A 158 5.77 -5.13 7.73
N PHE A 159 4.48 -5.30 7.52
CA PHE A 159 4.00 -5.95 6.30
C PHE A 159 3.24 -5.03 5.36
N TRP A 160 3.85 -4.82 4.20
CA TRP A 160 3.31 -3.97 3.18
C TRP A 160 2.49 -4.81 2.20
N MET A 161 1.17 -4.61 2.17
CA MET A 161 0.34 -5.22 1.10
C MET A 161 0.36 -4.40 -0.20
N ARG A 162 0.89 -5.02 -1.25
CA ARG A 162 0.95 -4.40 -2.55
C ARG A 162 -0.41 -4.49 -3.20
N VAL A 163 -1.17 -3.40 -3.11
CA VAL A 163 -2.52 -3.32 -3.71
C VAL A 163 -2.59 -2.23 -4.79
N PRO A 164 -3.20 -2.57 -5.94
CA PRO A 164 -3.27 -1.58 -7.03
C PRO A 164 -4.49 -0.65 -6.92
N LEU A 165 -4.33 0.61 -7.34
CA LEU A 165 -5.52 1.45 -7.44
C LEU A 165 -6.59 0.78 -8.29
N VAL A 166 -6.17 0.26 -9.43
CA VAL A 166 -7.05 -0.33 -10.43
C VAL A 166 -6.65 -1.78 -10.64
N ALA A 167 -7.61 -2.67 -10.46
CA ALA A 167 -7.37 -4.12 -10.59
C ALA A 167 -6.81 -4.45 -11.97
N PRO A 168 -5.84 -5.40 -12.03
CA PRO A 168 -5.24 -5.80 -13.30
C PRO A 168 -6.29 -6.16 -14.37
N GLU A 169 -7.32 -6.91 -13.96
CA GLU A 169 -8.44 -7.26 -14.86
C GLU A 169 -9.19 -6.05 -15.44
N ASP A 170 -9.16 -4.92 -14.74
CA ASP A 170 -9.86 -3.72 -15.21
C ASP A 170 -8.93 -2.74 -15.94
N LEU A 171 -7.67 -3.15 -16.13
CA LEU A 171 -6.68 -2.32 -16.84
C LEU A 171 -6.31 -2.96 -18.17
N ARG A 172 -6.78 -4.19 -18.39
CA ARG A 172 -6.42 -4.89 -19.60
C ARG A 172 -6.90 -4.14 -20.86
N ASP A 173 -6.02 -4.06 -21.86
CA ASP A 173 -6.34 -3.56 -23.19
C ASP A 173 -7.57 -4.28 -23.69
N ASP A 174 -8.47 -3.53 -24.30
CA ASP A 174 -9.67 -4.10 -24.88
C ASP A 174 -9.33 -4.76 -26.23
N ILE A 175 -8.72 -5.94 -26.16
CA ILE A 175 -8.19 -6.61 -27.37
C ILE A 175 -8.53 -8.10 -27.41
N ILE A 176 -9.49 -8.53 -26.58
CA ILE A 176 -10.02 -9.87 -26.79
C ILE A 176 -11.35 -9.75 -27.54
N GLU A 177 -11.36 -10.31 -28.75
CA GLU A 177 -12.51 -10.29 -29.62
C GLU A 177 -13.74 -10.78 -28.86
N ASN A 178 -13.67 -11.97 -28.26
CA ASN A 178 -14.84 -12.57 -27.63
C ASN A 178 -14.92 -12.39 -26.09
N ALA A 179 -14.23 -11.38 -25.59
CA ALA A 179 -14.35 -10.98 -24.20
C ALA A 179 -14.06 -9.49 -24.14
N PRO A 180 -15.04 -8.66 -24.56
CA PRO A 180 -14.79 -7.23 -24.53
C PRO A 180 -14.75 -6.72 -23.09
N THR A 181 -14.09 -5.59 -22.86
CA THR A 181 -14.03 -5.01 -21.54
C THR A 181 -15.41 -4.38 -21.25
N THR A 182 -16.09 -4.84 -20.18
CA THR A 182 -17.48 -4.39 -19.90
C THR A 182 -17.52 -2.88 -19.66
N HIS A 183 -17.89 -2.14 -20.71
CA HIS A 183 -17.68 -0.68 -20.83
C HIS A 183 -18.45 0.21 -19.84
N THR A 184 -19.69 -0.18 -19.49
CA THR A 184 -20.56 0.64 -18.62
C THR A 184 -19.97 0.82 -17.22
N GLU A 185 -19.96 2.08 -16.74
CA GLU A 185 -19.36 2.41 -15.45
C GLU A 185 -20.05 1.74 -14.25
N GLU A 186 -19.24 1.15 -13.37
CA GLU A 186 -19.73 0.51 -12.15
C GLU A 186 -19.08 1.16 -10.93
N TYR A 187 -19.91 1.79 -10.09
CA TYR A 187 -19.42 2.48 -8.89
C TYR A 187 -18.71 1.51 -7.94
N SER A 188 -19.36 0.37 -7.68
CA SER A 188 -18.80 -0.71 -6.84
C SER A 188 -17.56 -1.38 -7.44
N GLY A 189 -17.72 -1.98 -8.62
CA GLY A 189 -16.64 -2.67 -9.32
C GLY A 189 -15.35 -1.88 -9.57
N GLU A 190 -15.42 -0.54 -9.54
CA GLU A 190 -14.21 0.27 -9.62
C GLU A 190 -13.61 0.52 -8.23
N GLU A 191 -14.27 -0.04 -7.21
CA GLU A 191 -13.80 0.01 -5.83
C GLU A 191 -13.29 -1.35 -5.34
N LYS A 192 -13.52 -2.39 -6.13
CA LYS A 192 -13.27 -3.78 -5.71
C LYS A 192 -11.99 -3.95 -4.93
N THR A 193 -10.96 -3.22 -5.39
CA THR A 193 -9.59 -3.30 -4.90
C THR A 193 -9.46 -2.92 -3.43
N TRP A 194 -10.22 -1.91 -3.02
CA TRP A 194 -10.31 -1.55 -1.62
C TRP A 194 -10.94 -2.66 -0.77
N MET A 195 -12.00 -3.28 -1.28
N MET A 195 -12.01 -3.26 -1.28
CA MET A 195 -12.63 -4.36 -0.54
CA MET A 195 -12.65 -4.38 -0.61
C MET A 195 -11.67 -5.55 -0.38
C MET A 195 -11.65 -5.51 -0.37
N TRP A 196 -10.72 -5.69 -1.32
CA TRP A 196 -9.72 -6.74 -1.23
C TRP A 196 -8.87 -6.51 0.01
N TRP A 197 -8.61 -5.23 0.27
CA TRP A 197 -7.69 -4.82 1.27
C TRP A 197 -8.43 -4.76 2.58
N HIS A 198 -9.61 -4.15 2.50
CA HIS A 198 -10.58 -4.21 3.63
C HIS A 198 -10.69 -5.58 4.20
N ASN A 199 -11.08 -6.57 3.40
CA ASN A 199 -11.31 -7.92 4.03
C ASN A 199 -10.06 -8.50 4.59
N PHE A 200 -8.94 -8.19 3.94
CA PHE A 200 -7.75 -8.84 4.38
C PHE A 200 -7.32 -8.27 5.72
N ARG A 201 -7.71 -7.06 6.04
CA ARG A 201 -7.15 -6.50 7.26
C ARG A 201 -8.16 -6.69 8.36
N THR A 202 -9.36 -7.08 7.96
CA THR A 202 -10.42 -7.34 8.88
C THR A 202 -10.21 -8.74 9.42
N LEU A 203 -9.67 -9.62 8.56
CA LEU A 203 -9.51 -11.02 8.95
C LEU A 203 -8.24 -11.09 9.79
N CYS A 204 -7.31 -10.15 9.57
CA CYS A 204 -6.05 -10.12 10.32
C CYS A 204 -6.23 -9.25 11.56
N ASP A 205 -7.48 -8.89 11.81
CA ASP A 205 -7.92 -8.14 12.98
C ASP A 205 -7.24 -6.79 13.18
N TYR A 206 -7.13 -6.03 12.09
CA TYR A 206 -6.42 -4.74 12.08
C TYR A 206 -5.08 -4.77 12.79
N SER A 207 -4.25 -5.79 12.55
CA SER A 207 -2.89 -5.76 13.09
C SER A 207 -2.21 -4.46 12.73
N LYS A 208 -1.57 -3.80 13.70
CA LYS A 208 -0.84 -2.58 13.43
C LYS A 208 0.35 -2.90 12.54
N ARG A 209 0.63 -4.19 12.37
CA ARG A 209 1.84 -4.58 11.65
C ARG A 209 1.61 -4.62 10.14
N ILE A 210 0.36 -4.44 9.72
CA ILE A 210 0.02 -4.59 8.33
C ILE A 210 -0.46 -3.29 7.72
N ALA A 211 0.27 -2.84 6.71
CA ALA A 211 -0.01 -1.54 6.14
C ALA A 211 -0.23 -1.69 4.67
N VAL A 212 -0.35 -0.56 3.97
CA VAL A 212 -0.53 -0.58 2.50
C VAL A 212 0.63 -0.05 1.65
N ALA A 213 0.89 -0.80 0.58
CA ALA A 213 1.76 -0.40 -0.54
C ALA A 213 0.86 -0.18 -1.73
N LEU A 214 0.37 1.04 -1.89
CA LEU A 214 -0.53 1.34 -2.98
C LEU A 214 0.23 1.45 -4.30
N GLU A 215 -0.20 0.67 -5.29
CA GLU A 215 0.39 0.69 -6.61
C GLU A 215 -0.42 1.60 -7.54
N ILE A 216 0.22 2.66 -8.05
CA ILE A 216 -0.38 3.62 -9.00
C ILE A 216 -0.20 3.14 -10.45
N GLY A 217 -1.22 3.31 -11.29
CA GLY A 217 -1.13 2.91 -12.71
C GLY A 217 -1.21 4.13 -13.65
N ALA A 218 -1.18 3.87 -14.96
CA ALA A 218 -1.29 4.95 -15.95
C ALA A 218 -2.69 5.57 -15.86
N ASP A 219 -3.69 4.69 -15.80
CA ASP A 219 -5.06 5.14 -15.58
C ASP A 219 -5.37 5.31 -14.11
N LEU A 220 -5.30 6.55 -13.63
CA LEU A 220 -5.80 6.87 -12.31
C LEU A 220 -7.27 6.64 -12.46
N PRO A 221 -7.89 6.04 -11.44
CA PRO A 221 -9.27 5.70 -11.59
C PRO A 221 -10.13 6.94 -11.37
N SER A 222 -11.44 6.70 -11.27
CA SER A 222 -12.37 7.73 -10.82
C SER A 222 -11.87 8.30 -9.49
N ASN A 223 -12.17 9.56 -9.27
CA ASN A 223 -11.66 10.24 -8.12
C ASN A 223 -12.19 9.63 -6.84
N HIS A 224 -13.44 9.15 -6.93
N HIS A 224 -13.51 9.56 -6.70
CA HIS A 224 -14.12 8.43 -5.85
CA HIS A 224 -14.13 9.72 -5.36
C HIS A 224 -13.46 7.12 -5.42
C HIS A 224 -13.58 8.82 -4.25
N VAL A 225 -12.89 6.39 -6.36
N VAL A 225 -12.57 8.04 -4.61
CA VAL A 225 -12.19 5.17 -6.00
CA VAL A 225 -12.01 7.01 -3.75
C VAL A 225 -10.80 5.43 -5.43
C VAL A 225 -10.56 7.24 -3.37
N ILE A 226 -10.34 6.68 -5.47
N ILE A 226 -9.94 8.35 -3.80
CA ILE A 226 -9.10 7.04 -4.81
CA ILE A 226 -8.59 8.61 -3.31
C ILE A 226 -9.46 7.47 -3.40
C ILE A 226 -8.69 9.27 -1.96
N ASP A 227 -10.30 8.49 -3.29
N ASP A 227 -9.76 10.04 -1.76
CA ASP A 227 -10.92 8.80 -2.01
CA ASP A 227 -10.18 10.44 -0.42
C ASP A 227 -10.87 7.56 -1.09
C ASP A 227 -10.07 9.24 0.55
N ARG A 228 -11.52 6.47 -1.52
N ARG A 228 -10.88 8.22 0.30
CA ARG A 228 -11.47 5.18 -0.83
CA ARG A 228 -10.97 7.05 1.18
C ARG A 228 -10.27 4.94 0.06
C ARG A 228 -9.64 6.34 1.43
N TRP A 229 -9.08 5.27 -0.39
N TRP A 229 -8.76 6.39 0.43
CA TRP A 229 -7.89 4.94 0.38
CA TRP A 229 -7.47 5.70 0.50
C TRP A 229 -7.50 6.04 1.36
C TRP A 229 -6.50 6.34 1.49
N LEU A 230 -8.31 7.09 1.39
N LEU A 230 -6.46 7.67 1.49
CA LEU A 230 -8.26 8.06 2.45
CA LEU A 230 -5.55 8.41 2.36
C LEU A 230 -8.41 7.29 3.75
C LEU A 230 -6.11 8.48 3.79
N GLY A 231 -7.73 7.75 4.78
N GLY A 231 -7.08 7.59 4.08
CA GLY A 231 -7.82 7.10 6.06
CA GLY A 231 -7.57 7.35 5.45
C GLY A 231 -7.00 5.83 6.19
C GLY A 231 -7.14 5.99 6.00
N GLU A 232 -6.72 5.13 5.08
CA GLU A 232 -6.01 3.85 5.29
C GLU A 232 -4.50 4.02 5.59
N PRO A 233 -3.90 3.00 6.25
CA PRO A 233 -2.52 3.09 6.66
C PRO A 233 -1.57 2.85 5.49
N ILE A 234 -1.56 3.77 4.54
CA ILE A 234 -0.62 3.67 3.41
C ILE A 234 0.78 3.92 3.89
N LYS A 235 1.61 2.91 3.83
CA LYS A 235 2.99 3.17 4.23
C LYS A 235 3.89 3.48 3.04
N ALA A 236 3.45 3.12 1.84
CA ALA A 236 4.28 3.28 0.65
C ALA A 236 3.46 3.39 -0.61
N ALA A 237 3.94 4.16 -1.57
CA ALA A 237 3.32 4.23 -2.90
C ALA A 237 4.28 3.75 -4.00
N ILE A 238 3.80 2.86 -4.86
CA ILE A 238 4.60 2.22 -5.89
C ILE A 238 4.29 2.83 -7.23
N LEU A 239 5.30 3.46 -7.83
CA LEU A 239 5.21 4.08 -9.18
C LEU A 239 5.94 3.22 -10.22
N PRO A 240 5.20 2.65 -11.18
CA PRO A 240 5.95 1.99 -12.24
C PRO A 240 6.54 3.02 -13.20
N THR A 241 7.73 2.73 -13.70
CA THR A 241 8.41 3.62 -14.66
C THR A 241 7.51 3.93 -15.86
N SER A 242 6.81 2.89 -16.32
CA SER A 242 5.84 2.97 -17.40
C SER A 242 4.85 4.15 -17.41
N ILE A 243 4.61 4.80 -16.27
CA ILE A 243 3.53 5.81 -16.18
C ILE A 243 4.08 7.22 -16.29
N PHE A 244 5.40 7.32 -16.24
CA PHE A 244 6.06 8.59 -16.52
C PHE A 244 5.98 8.96 -17.98
N LEU A 245 5.46 10.16 -18.23
CA LEU A 245 5.49 10.76 -19.56
C LEU A 245 6.87 11.39 -19.78
N THR A 246 7.12 11.84 -21.02
CA THR A 246 8.39 12.49 -21.33
C THR A 246 8.20 13.95 -21.69
N ASN A 247 9.06 14.83 -21.18
CA ASN A 247 8.95 16.25 -21.50
C ASN A 247 9.57 16.55 -22.86
N LYS A 248 9.45 17.80 -23.30
CA LYS A 248 9.95 18.21 -24.61
C LYS A 248 11.47 17.96 -24.74
N LYS A 249 12.15 17.81 -23.60
CA LYS A 249 13.58 17.56 -23.59
C LYS A 249 13.94 16.14 -23.15
N GLY A 250 13.10 15.18 -23.53
CA GLY A 250 13.35 13.75 -23.31
C GLY A 250 13.47 13.17 -21.89
N PHE A 251 12.99 13.90 -20.88
CA PHE A 251 13.11 13.46 -19.48
C PHE A 251 11.77 13.02 -18.84
N PRO A 252 11.83 12.14 -17.81
CA PRO A 252 10.61 11.60 -17.21
C PRO A 252 9.90 12.59 -16.31
N VAL A 253 8.60 12.77 -16.54
CA VAL A 253 7.73 13.60 -15.69
C VAL A 253 6.38 12.91 -15.52
N LEU A 254 5.46 13.58 -14.84
CA LEU A 254 4.13 13.01 -14.60
C LEU A 254 3.02 13.92 -15.03
N SER A 255 1.92 13.33 -15.50
CA SER A 255 0.67 14.04 -15.78
C SER A 255 0.27 14.95 -14.61
N LYS A 256 -0.51 15.99 -14.89
CA LYS A 256 -1.03 16.85 -13.83
C LYS A 256 -1.83 16.07 -12.77
N MET A 257 -2.76 15.21 -13.22
CA MET A 257 -3.57 14.46 -12.26
C MET A 257 -2.71 13.52 -11.37
N HIS A 258 -1.72 12.85 -11.95
CA HIS A 258 -0.74 12.07 -11.19
C HIS A 258 0.01 12.93 -10.21
N GLN A 259 0.24 14.19 -10.56
CA GLN A 259 0.97 15.10 -9.69
C GLN A 259 0.18 15.44 -8.45
N ARG A 260 -1.12 15.62 -8.60
CA ARG A 260 -2.02 15.84 -7.47
C ARG A 260 -1.87 14.72 -6.45
N LEU A 261 -2.00 13.48 -6.92
CA LEU A 261 -1.93 12.33 -6.03
C LEU A 261 -0.62 12.34 -5.29
N ILE A 262 0.48 12.62 -6.00
CA ILE A 262 1.79 12.72 -5.37
C ILE A 262 1.82 13.74 -4.22
N PHE A 263 1.29 14.93 -4.46
CA PHE A 263 1.26 15.95 -3.42
C PHE A 263 0.40 15.50 -2.23
N ARG A 264 -0.73 14.84 -2.52
CA ARG A 264 -1.55 14.28 -1.47
C ARG A 264 -0.76 13.25 -0.68
N LEU A 265 -0.14 12.31 -1.38
CA LEU A 265 0.67 11.29 -0.70
C LEU A 265 1.84 11.89 0.07
N LEU A 266 2.45 12.93 -0.47
CA LEU A 266 3.55 13.59 0.23
C LEU A 266 3.08 14.24 1.54
N LYS A 267 1.87 14.82 1.52
CA LYS A 267 1.25 15.42 2.71
C LYS A 267 1.09 14.38 3.81
N LEU A 268 0.81 13.14 3.41
CA LEU A 268 0.60 12.04 4.32
C LEU A 268 1.89 11.32 4.66
N GLU A 269 2.99 11.79 4.08
CA GLU A 269 4.32 11.19 4.31
C GLU A 269 4.30 9.68 4.16
N VAL A 270 4.72 9.19 3.00
CA VAL A 270 4.81 7.78 2.72
C VAL A 270 6.14 7.62 2.04
N GLN A 271 6.61 6.37 1.90
CA GLN A 271 7.78 6.12 1.07
C GLN A 271 7.37 5.81 -0.38
N PHE A 272 8.22 6.20 -1.33
CA PHE A 272 7.95 5.99 -2.73
C PHE A 272 8.83 4.94 -3.29
N ILE A 273 8.21 4.06 -4.07
CA ILE A 273 8.91 2.94 -4.64
C ILE A 273 8.83 3.00 -6.16
N ILE A 274 10.01 3.06 -6.80
CA ILE A 274 10.12 2.97 -8.27
C ILE A 274 10.35 1.54 -8.69
N THR A 275 9.47 1.07 -9.57
CA THR A 275 9.49 -0.30 -10.06
C THR A 275 9.56 -0.28 -11.59
N GLY A 276 10.11 -1.34 -12.18
CA GLY A 276 10.19 -1.50 -13.65
C GLY A 276 11.50 -1.03 -14.26
N THR A 277 11.73 -1.37 -15.53
CA THR A 277 12.95 -0.98 -16.25
C THR A 277 12.93 0.48 -16.63
N ASN A 278 14.10 0.98 -17.05
CA ASN A 278 14.21 2.33 -17.61
C ASN A 278 13.50 2.41 -18.96
N HIS A 279 12.62 3.40 -19.10
CA HIS A 279 11.92 3.58 -20.38
C HIS A 279 12.33 4.88 -21.05
N HIS A 280 13.29 5.57 -20.43
CA HIS A 280 13.94 6.72 -21.03
C HIS A 280 15.46 6.48 -20.95
N SER A 281 15.94 5.60 -21.83
CA SER A 281 17.35 5.19 -21.86
C SER A 281 18.31 6.36 -22.06
N GLU A 282 17.75 7.54 -22.33
CA GLU A 282 18.47 8.81 -22.42
C GLU A 282 19.31 9.11 -21.18
N LYS A 283 18.66 9.09 -20.01
CA LYS A 283 19.37 9.25 -18.73
C LYS A 283 19.23 8.01 -17.83
N GLU A 284 19.91 8.05 -16.68
CA GLU A 284 19.86 7.00 -15.65
C GLU A 284 18.46 6.82 -15.07
N PHE A 285 18.37 6.01 -14.02
CA PHE A 285 17.16 5.93 -13.21
C PHE A 285 16.98 7.20 -12.41
N CYS A 286 18.09 7.78 -11.94
CA CYS A 286 18.03 8.90 -10.99
C CYS A 286 17.19 10.07 -11.49
N SER A 287 16.81 10.04 -12.76
CA SER A 287 15.94 11.06 -13.34
C SER A 287 14.52 10.98 -12.78
N TYR A 288 13.94 9.76 -12.78
CA TYR A 288 12.63 9.50 -12.15
C TYR A 288 12.65 9.99 -10.72
N LEU A 289 13.67 9.57 -9.99
CA LEU A 289 13.82 9.93 -8.61
C LEU A 289 13.94 11.44 -8.47
N GLN A 290 14.83 12.06 -9.27
CA GLN A 290 15.04 13.52 -9.26
C GLN A 290 13.73 14.25 -9.41
N TYR A 291 12.89 13.75 -10.31
CA TYR A 291 11.57 14.33 -10.50
C TYR A 291 10.69 14.32 -9.24
N LEU A 292 10.77 13.25 -8.45
CA LEU A 292 10.03 13.21 -7.18
C LEU A 292 10.57 14.27 -6.28
N GLU A 293 11.88 14.22 -6.07
CA GLU A 293 12.60 15.24 -5.30
C GLU A 293 12.15 16.62 -5.77
N TYR A 294 12.01 16.77 -7.09
CA TYR A 294 11.53 18.01 -7.70
C TYR A 294 10.15 18.39 -7.18
N LEU A 295 9.21 17.44 -7.27
CA LEU A 295 7.84 17.68 -6.79
C LEU A 295 7.77 17.98 -5.27
N SER A 296 8.59 17.28 -4.49
CA SER A 296 8.68 17.52 -3.05
C SER A 296 9.16 18.92 -2.73
N GLN A 297 10.17 19.39 -3.46
CA GLN A 297 10.67 20.74 -3.33
C GLN A 297 9.55 21.74 -3.63
N ASN A 298 8.70 21.42 -4.59
CA ASN A 298 7.66 22.34 -5.09
C ASN A 298 6.28 22.28 -4.43
N ARG A 299 6.25 21.84 -3.18
CA ARG A 299 5.05 21.94 -2.38
C ARG A 299 5.00 23.35 -1.79
N PRO A 300 3.82 23.82 -1.33
CA PRO A 300 3.88 25.06 -0.55
C PRO A 300 4.52 24.77 0.82
N PRO A 301 5.21 25.76 1.42
CA PRO A 301 5.85 25.48 2.71
C PRO A 301 4.80 25.40 3.83
N PRO A 302 5.13 24.74 4.97
CA PRO A 302 4.14 24.65 6.07
C PRO A 302 3.65 26.02 6.52
N ASN A 303 2.37 26.14 6.85
CA ASN A 303 1.91 27.36 7.53
C ASN A 303 2.36 27.31 8.99
N ALA A 304 2.09 28.36 9.77
CA ALA A 304 2.58 28.43 11.14
C ALA A 304 1.99 27.30 11.98
N TYR A 305 0.67 27.12 11.86
CA TYR A 305 -0.06 25.96 12.41
C TYR A 305 0.65 24.63 12.08
N GLU A 306 0.86 24.37 10.79
CA GLU A 306 1.41 23.09 10.32
C GLU A 306 2.81 22.83 10.88
N LEU A 307 3.55 23.91 11.17
CA LEU A 307 4.85 23.79 11.81
C LEU A 307 4.69 23.44 13.30
N PHE A 308 3.80 24.14 13.99
CA PHE A 308 3.47 23.77 15.37
C PHE A 308 3.00 22.33 15.50
N ALA A 309 2.10 21.91 14.61
CA ALA A 309 1.40 20.63 14.73
C ALA A 309 2.24 19.45 14.29
N LYS A 310 3.47 19.73 13.85
CA LYS A 310 4.24 18.72 13.13
C LYS A 310 4.33 17.36 13.78
N GLY A 311 4.98 17.26 14.93
CA GLY A 311 5.14 15.94 15.57
C GLY A 311 3.88 15.35 16.21
N TYR A 312 2.73 15.99 16.04
CA TYR A 312 1.50 15.62 16.77
C TYR A 312 0.48 14.86 15.95
N GLU A 313 0.76 14.68 14.66
CA GLU A 313 -0.21 14.10 13.75
C GLU A 313 -0.66 12.76 14.26
N ASP A 314 -1.98 12.56 14.26
CA ASP A 314 -2.64 11.35 14.79
C ASP A 314 -2.05 10.82 16.09
N TYR A 315 -1.77 11.69 17.05
CA TYR A 315 -1.27 11.26 18.34
C TYR A 315 -2.34 11.56 19.40
N LEU A 316 -2.93 10.52 19.98
CA LEU A 316 -4.04 10.73 20.91
C LEU A 316 -3.56 11.21 22.26
N GLN A 317 -4.22 12.24 22.78
CA GLN A 317 -3.97 12.71 24.15
C GLN A 317 -5.28 12.83 24.92
N SER A 318 -5.22 12.65 26.23
CA SER A 318 -6.37 12.93 27.07
C SER A 318 -6.70 14.41 26.98
N PRO A 319 -8.00 14.76 26.94
CA PRO A 319 -8.23 16.19 27.08
C PRO A 319 -7.83 16.65 28.49
N LEU A 320 -7.31 17.87 28.60
CA LEU A 320 -7.00 18.46 29.90
C LEU A 320 -8.28 18.74 30.67
N GLN A 321 -8.19 18.70 32.00
CA GLN A 321 -9.30 19.10 32.86
C GLN A 321 -8.72 20.09 33.84
N PRO A 322 -8.68 21.38 33.43
CA PRO A 322 -8.04 22.43 34.25
C PRO A 322 -8.86 22.75 35.47
N LEU A 323 -10.16 22.40 35.42
CA LEU A 323 -11.02 22.53 36.59
C LEU A 323 -10.56 21.65 37.77
N MET A 324 -10.24 20.40 37.49
CA MET A 324 -10.07 19.41 38.55
C MET A 324 -8.61 19.10 38.79
N ASP A 325 -7.78 19.40 37.80
CA ASP A 325 -6.32 19.28 37.90
C ASP A 325 -5.67 20.62 37.68
N ASN A 326 -4.45 20.79 38.15
CA ASN A 326 -3.77 22.08 37.99
C ASN A 326 -2.80 22.06 36.80
N LEU A 327 -3.04 22.91 35.82
CA LEU A 327 -2.17 22.99 34.65
C LEU A 327 -0.72 23.27 35.05
N GLU A 328 0.22 22.60 34.40
CA GLU A 328 1.65 22.85 34.65
C GLU A 328 2.13 24.12 33.96
N SER A 329 3.23 24.67 34.46
CA SER A 329 3.76 25.92 33.93
C SER A 329 4.06 25.83 32.44
N GLN A 330 4.61 24.71 32.00
CA GLN A 330 5.02 24.59 30.59
C GLN A 330 3.83 24.52 29.66
N THR A 331 2.65 24.30 30.22
CA THR A 331 1.47 24.19 29.44
C THR A 331 0.94 25.58 29.13
N TYR A 332 0.73 26.37 30.19
CA TYR A 332 0.48 27.79 30.06
C TYR A 332 1.50 28.41 29.08
N GLU A 333 2.76 28.02 29.18
CA GLU A 333 3.80 28.60 28.32
C GLU A 333 3.58 28.33 26.85
N VAL A 334 3.20 27.10 26.51
CA VAL A 334 3.13 26.72 25.09
C VAL A 334 2.02 27.50 24.40
N PHE A 335 0.87 27.56 25.07
CA PHE A 335 -0.33 28.15 24.52
C PHE A 335 -0.35 29.67 24.60
N GLU A 336 0.39 30.24 25.53
CA GLU A 336 0.57 31.69 25.59
C GLU A 336 1.19 32.21 24.28
N LYS A 337 1.89 31.33 23.56
CA LYS A 337 2.56 31.72 22.33
C LYS A 337 1.61 31.84 21.13
N ASP A 338 0.30 31.66 21.37
CA ASP A 338 -0.64 31.71 20.25
C ASP A 338 -0.71 33.10 19.63
N PRO A 339 -0.61 33.17 18.30
CA PRO A 339 -0.48 34.48 17.67
C PRO A 339 -1.83 35.15 17.40
N ILE A 340 -2.93 34.50 17.79
CA ILE A 340 -4.24 34.93 17.36
C ILE A 340 -5.22 35.02 18.50
N LYS A 341 -5.25 34.00 19.35
CA LYS A 341 -6.25 33.93 20.42
C LYS A 341 -6.29 35.22 21.24
N TYR A 342 -5.12 35.77 21.51
CA TYR A 342 -5.03 36.88 22.44
C TYR A 342 -5.39 38.20 21.79
N SER A 343 -4.86 38.45 20.61
CA SER A 343 -5.20 39.69 19.94
C SER A 343 -6.71 39.74 19.58
N GLN A 344 -7.28 38.57 19.24
CA GLN A 344 -8.73 38.41 19.08
C GLN A 344 -9.49 38.77 20.34
N TYR A 345 -8.94 38.41 21.50
CA TYR A 345 -9.56 38.76 22.78
C TYR A 345 -9.46 40.27 23.05
N GLN A 346 -8.26 40.83 22.91
CA GLN A 346 -8.01 42.28 22.97
C GLN A 346 -9.04 43.02 22.16
N GLN A 347 -9.16 42.63 20.90
CA GLN A 347 -10.11 43.25 20.02
C GLN A 347 -11.55 43.14 20.52
N ALA A 348 -11.92 42.00 21.08
CA ALA A 348 -13.28 41.79 21.56
C ALA A 348 -13.59 42.71 22.72
N ILE A 349 -12.58 42.93 23.56
CA ILE A 349 -12.72 43.79 24.74
C ILE A 349 -12.76 45.27 24.33
N TYR A 350 -11.94 45.61 23.34
CA TYR A 350 -11.86 46.97 22.79
C TYR A 350 -13.17 47.42 22.15
N LYS A 351 -13.78 46.59 21.31
CA LYS A 351 -15.12 46.87 20.75
C LYS A 351 -16.16 47.03 21.83
N CYS A 352 -16.11 46.18 22.85
CA CYS A 352 -17.11 46.19 23.93
C CYS A 352 -16.98 47.43 24.81
N LEU A 353 -15.76 47.90 24.97
CA LEU A 353 -15.52 49.06 25.83
C LEU A 353 -16.14 50.29 25.20
N LEU A 354 -16.02 50.42 23.89
CA LEU A 354 -16.58 51.56 23.18
C LEU A 354 -18.08 51.53 23.25
N ASP A 355 -18.68 50.40 22.92
CA ASP A 355 -20.13 50.25 23.01
C ASP A 355 -20.67 50.56 24.40
N ARG A 356 -19.83 50.43 25.43
CA ARG A 356 -20.31 50.52 26.82
C ARG A 356 -20.19 51.88 27.50
N VAL A 357 -19.16 52.64 27.12
CA VAL A 357 -19.02 54.01 27.63
C VAL A 357 -18.92 55.00 26.49
N PRO A 358 -19.98 55.84 26.33
CA PRO A 358 -20.02 56.89 25.31
C PRO A 358 -18.88 57.85 25.52
N GLU A 359 -18.35 58.39 24.42
CA GLU A 359 -17.26 59.37 24.39
C GLU A 359 -17.20 60.42 25.53
N GLU A 360 -18.30 61.13 25.77
CA GLU A 360 -18.35 62.16 26.82
C GLU A 360 -18.19 61.59 28.24
N GLU A 361 -18.25 60.26 28.37
CA GLU A 361 -18.07 59.63 29.68
C GLU A 361 -16.65 59.11 29.93
N LYS A 362 -15.81 59.19 28.90
CA LYS A 362 -14.49 58.54 28.91
C LYS A 362 -13.58 58.71 30.15
N ASP A 363 -13.74 59.80 30.90
CA ASP A 363 -12.88 60.04 32.05
C ASP A 363 -13.62 59.83 33.37
N THR A 364 -14.94 59.78 33.27
CA THR A 364 -15.79 59.68 34.45
C THR A 364 -16.36 58.26 34.69
N ASN A 365 -16.40 57.45 33.63
CA ASN A 365 -16.87 56.08 33.75
C ASN A 365 -15.72 55.09 33.67
N VAL A 366 -15.59 54.33 34.75
CA VAL A 366 -14.50 53.41 34.90
C VAL A 366 -15.13 52.01 34.95
N GLN A 367 -14.88 51.22 33.92
CA GLN A 367 -15.52 49.91 33.77
C GLN A 367 -14.86 48.86 34.65
N VAL A 368 -15.66 48.12 35.42
CA VAL A 368 -15.11 46.99 36.19
C VAL A 368 -15.13 45.68 35.38
N LEU A 369 -13.92 45.18 35.15
CA LEU A 369 -13.62 44.04 34.31
C LEU A 369 -13.05 42.83 35.11
N MET A 370 -13.67 41.65 34.95
CA MET A 370 -13.18 40.46 35.65
C MET A 370 -12.69 39.35 34.74
N VAL A 371 -11.42 39.01 34.86
CA VAL A 371 -10.98 37.79 34.22
C VAL A 371 -11.26 36.55 35.07
N LEU A 372 -11.87 35.56 34.46
CA LEU A 372 -12.16 34.36 35.21
C LEU A 372 -11.29 33.24 34.65
N GLY A 373 -10.33 32.81 35.45
CA GLY A 373 -9.33 31.88 34.99
C GLY A 373 -8.25 32.69 34.27
N ALA A 374 -7.51 33.45 35.06
CA ALA A 374 -6.57 34.43 34.58
C ALA A 374 -5.32 33.76 34.05
N GLY A 375 -5.02 32.57 34.58
CA GLY A 375 -3.83 31.82 34.19
C GLY A 375 -2.58 32.56 34.66
N ARG A 376 -1.58 32.69 33.79
CA ARG A 376 -0.44 33.51 34.16
C ARG A 376 -0.63 34.96 33.71
N GLY A 377 -1.84 35.32 33.32
CA GLY A 377 -2.23 36.71 33.10
C GLY A 377 -2.26 37.34 31.71
N PRO A 378 -2.25 36.53 30.62
CA PRO A 378 -2.14 37.26 29.36
C PRO A 378 -3.48 37.90 28.96
N LEU A 379 -4.61 37.39 29.44
CA LEU A 379 -5.86 38.09 29.22
C LEU A 379 -5.88 39.39 30.01
N VAL A 380 -5.24 39.41 31.18
CA VAL A 380 -5.17 40.62 32.00
C VAL A 380 -4.42 41.70 31.19
N ASN A 381 -3.23 41.39 30.66
CA ASN A 381 -2.52 42.36 29.83
C ASN A 381 -3.33 42.78 28.64
N ALA A 382 -4.14 41.85 28.14
CA ALA A 382 -4.87 42.09 26.92
C ALA A 382 -6.00 43.05 27.22
N SER A 383 -6.54 42.97 28.43
CA SER A 383 -7.60 43.86 28.85
C SER A 383 -7.06 45.27 28.99
N LEU A 384 -5.85 45.35 29.54
CA LEU A 384 -5.16 46.62 29.70
C LEU A 384 -4.86 47.22 28.34
N ARG A 385 -4.32 46.42 27.42
CA ARG A 385 -4.05 46.91 26.07
C ARG A 385 -5.33 47.40 25.36
N ALA A 386 -6.46 46.78 25.65
CA ALA A 386 -7.74 47.14 25.07
C ALA A 386 -8.16 48.52 25.57
N ALA A 387 -7.97 48.73 26.86
CA ALA A 387 -8.34 49.97 27.52
C ALA A 387 -7.54 51.20 27.04
N LYS A 388 -6.21 51.12 26.99
CA LYS A 388 -5.45 52.22 26.38
C LYS A 388 -5.29 52.05 24.85
N GLN A 389 -6.44 51.79 24.21
CA GLN A 389 -6.57 51.70 22.75
C GLN A 389 -8.00 52.14 22.44
N ALA A 390 -8.87 51.93 23.41
CA ALA A 390 -10.21 52.46 23.39
C ALA A 390 -10.21 53.81 24.10
N ASP A 391 -9.04 54.18 24.65
CA ASP A 391 -8.92 55.25 25.63
C ASP A 391 -10.12 55.24 26.60
N ARG A 392 -10.24 54.17 27.37
CA ARG A 392 -11.24 54.07 28.41
C ARG A 392 -10.60 53.48 29.66
N ARG A 393 -11.26 53.61 30.80
CA ARG A 393 -10.64 53.30 32.09
C ARG A 393 -11.33 52.13 32.79
N ILE A 394 -10.51 51.20 33.27
CA ILE A 394 -11.00 49.93 33.80
C ILE A 394 -10.40 49.57 35.16
N LYS A 395 -11.24 48.95 35.99
CA LYS A 395 -10.76 48.23 37.17
C LYS A 395 -10.76 46.75 36.83
N LEU A 396 -9.66 46.05 37.15
CA LEU A 396 -9.48 44.62 36.89
C LEU A 396 -9.45 43.69 38.10
N TYR A 397 -10.32 42.68 38.10
CA TYR A 397 -10.14 41.53 38.97
C TYR A 397 -9.59 40.36 38.15
N ALA A 398 -8.54 39.71 38.69
CA ALA A 398 -7.92 38.52 38.09
C ALA A 398 -8.13 37.28 38.97
N VAL A 399 -9.16 36.50 38.68
CA VAL A 399 -9.50 35.33 39.50
C VAL A 399 -8.95 34.02 38.92
N GLU A 400 -8.20 33.29 39.74
CA GLU A 400 -7.56 32.04 39.28
C GLU A 400 -7.57 31.01 40.38
N LYS A 401 -7.99 29.78 40.08
CA LYS A 401 -8.01 28.71 41.09
C LYS A 401 -6.65 28.00 41.26
N ASN A 402 -5.87 27.95 40.19
CA ASN A 402 -4.56 27.35 40.25
C ASN A 402 -3.57 28.11 41.15
N PRO A 403 -3.44 27.73 42.44
CA PRO A 403 -2.50 28.43 43.36
C PRO A 403 -1.11 28.67 42.77
N ASN A 404 -0.65 27.78 41.90
CA ASN A 404 0.67 27.88 41.30
C ASN A 404 0.73 28.99 40.26
N ALA A 405 -0.32 29.10 39.46
CA ALA A 405 -0.44 30.18 38.47
C ALA A 405 -0.59 31.50 39.21
N VAL A 406 -1.44 31.48 40.25
CA VAL A 406 -1.64 32.59 41.18
C VAL A 406 -0.33 33.11 41.74
N VAL A 407 0.67 32.27 41.88
CA VAL A 407 2.00 32.78 42.20
C VAL A 407 2.50 33.74 41.11
N THR A 408 2.38 33.36 39.85
CA THR A 408 2.84 34.19 38.74
C THR A 408 2.07 35.49 38.70
N LEU A 409 0.76 35.41 38.90
CA LEU A 409 -0.07 36.58 38.80
C LEU A 409 0.35 37.62 39.83
N GLU A 410 0.59 37.16 41.06
CA GLU A 410 0.85 38.05 42.16
C GLU A 410 2.23 38.70 42.08
N ASN A 411 3.18 38.00 41.46
CA ASN A 411 4.45 38.62 41.10
C ASN A 411 4.26 39.63 39.96
N TRP A 412 3.32 39.38 39.04
CA TRP A 412 3.02 40.36 38.00
C TRP A 412 2.40 41.64 38.58
N GLN A 413 1.45 41.50 39.51
CA GLN A 413 0.74 42.66 40.04
C GLN A 413 1.59 43.46 41.02
N PHE A 414 2.56 42.82 41.65
CA PHE A 414 3.51 43.58 42.42
C PHE A 414 4.55 44.27 41.51
N GLU A 415 5.12 43.55 40.56
CA GLU A 415 6.21 44.12 39.78
C GLU A 415 5.74 45.11 38.72
N GLU A 416 4.47 45.05 38.34
CA GLU A 416 3.98 45.75 37.13
C GLU A 416 2.58 46.36 37.20
N TRP A 417 1.56 45.54 37.34
CA TRP A 417 0.22 46.08 37.14
C TRP A 417 -0.15 47.12 38.20
N GLY A 418 0.36 46.95 39.41
CA GLY A 418 -0.06 47.82 40.51
C GLY A 418 -1.50 47.57 40.88
N SER A 419 -2.06 48.44 41.73
CA SER A 419 -3.36 48.16 42.34
C SER A 419 -4.53 48.27 41.34
N GLN A 420 -4.24 48.57 40.07
CA GLN A 420 -5.30 48.56 39.08
C GLN A 420 -5.90 47.17 38.96
N VAL A 421 -5.02 46.15 38.89
CA VAL A 421 -5.40 44.75 38.99
C VAL A 421 -5.46 44.22 40.45
N THR A 422 -6.61 43.70 40.83
CA THR A 422 -6.75 42.92 42.06
C THR A 422 -6.70 41.41 41.72
N VAL A 423 -5.69 40.69 42.22
CA VAL A 423 -5.64 39.25 42.05
C VAL A 423 -6.45 38.54 43.15
N VAL A 424 -7.43 37.75 42.76
CA VAL A 424 -8.16 36.85 43.68
C VAL A 424 -7.76 35.38 43.43
N SER A 425 -7.29 34.72 44.48
CA SER A 425 -6.96 33.31 44.39
C SER A 425 -8.13 32.47 44.90
N SER A 426 -9.11 32.19 44.03
CA SER A 426 -10.14 31.19 44.35
C SER A 426 -10.85 30.62 43.10
N ASP A 427 -11.85 29.78 43.33
CA ASP A 427 -12.69 29.31 42.27
C ASP A 427 -13.72 30.38 41.99
N MET A 428 -14.02 30.61 40.72
CA MET A 428 -15.04 31.61 40.39
C MET A 428 -16.43 31.17 40.85
N ARG A 429 -16.65 29.88 41.06
CA ARG A 429 -17.97 29.41 41.57
C ARG A 429 -18.13 29.68 43.06
N GLU A 430 -17.03 29.99 43.74
CA GLU A 430 -16.98 30.14 45.20
C GLU A 430 -16.82 31.58 45.65
N TRP A 431 -16.02 32.33 44.89
CA TRP A 431 -15.65 33.69 45.22
C TRP A 431 -16.84 34.56 45.55
N VAL A 432 -16.73 35.29 46.65
CA VAL A 432 -17.70 36.32 47.00
C VAL A 432 -17.13 37.62 46.45
N ALA A 433 -17.86 38.21 45.52
CA ALA A 433 -17.37 39.40 44.84
C ALA A 433 -17.70 40.65 45.68
N PRO A 434 -16.69 41.51 45.91
CA PRO A 434 -16.95 42.77 46.63
C PRO A 434 -17.93 43.67 45.86
N GLU A 435 -17.90 43.58 44.53
CA GLU A 435 -18.75 44.38 43.64
C GLU A 435 -19.05 43.64 42.32
N LYS A 436 -20.11 44.08 41.62
CA LYS A 436 -20.49 43.49 40.34
C LYS A 436 -19.61 43.94 39.14
N ALA A 437 -19.64 43.19 38.05
CA ALA A 437 -18.79 43.52 36.92
C ALA A 437 -19.58 44.02 35.74
N ASP A 438 -18.90 44.85 34.95
CA ASP A 438 -19.38 45.30 33.65
C ASP A 438 -19.20 44.21 32.63
N ILE A 439 -18.10 43.46 32.78
CA ILE A 439 -17.64 42.53 31.78
C ILE A 439 -16.85 41.43 32.46
N ILE A 440 -17.36 40.20 32.41
CA ILE A 440 -16.56 39.01 32.72
C ILE A 440 -15.90 38.49 31.44
N VAL A 441 -14.60 38.26 31.52
CA VAL A 441 -13.81 37.72 30.42
C VAL A 441 -13.32 36.33 30.82
N SER A 442 -13.35 35.37 29.91
CA SER A 442 -12.81 34.04 30.21
C SER A 442 -12.44 33.33 28.95
N GLU A 443 -11.51 32.39 29.06
CA GLU A 443 -11.39 31.35 28.05
C GLU A 443 -11.28 29.97 28.74
N LEU A 444 -12.43 29.31 28.90
CA LEU A 444 -12.50 28.04 29.60
C LEU A 444 -13.05 26.92 28.71
N LEU A 445 -12.53 26.88 27.49
CA LEU A 445 -13.05 26.09 26.41
C LEU A 445 -12.07 25.04 26.03
N GLY A 446 -12.59 23.86 25.70
CA GLY A 446 -11.78 22.76 25.20
C GLY A 446 -12.14 22.49 23.76
N SER A 447 -11.65 21.42 23.18
CA SER A 447 -11.77 21.27 21.73
C SER A 447 -13.20 21.07 21.28
N PHE A 448 -14.09 20.74 22.21
CA PHE A 448 -15.50 20.49 21.92
C PHE A 448 -16.34 21.54 22.63
N ALA A 449 -15.72 22.72 22.76
CA ALA A 449 -16.29 23.89 23.42
C ALA A 449 -16.49 23.75 24.92
N ASP A 450 -17.53 22.99 25.31
CA ASP A 450 -17.98 22.97 26.68
C ASP A 450 -17.44 21.81 27.49
N ASN A 451 -16.39 21.17 26.98
CA ASN A 451 -15.85 19.96 27.57
C ASN A 451 -14.89 20.22 28.73
N GLU A 452 -14.76 21.49 29.11
CA GLU A 452 -13.92 21.90 30.25
C GLU A 452 -14.82 22.52 31.28
N LEU A 453 -16.11 22.54 30.98
CA LEU A 453 -17.15 22.89 31.93
C LEU A 453 -17.26 24.40 32.07
N SER A 454 -16.93 25.10 30.99
CA SER A 454 -17.14 26.52 30.90
C SER A 454 -18.60 26.94 31.19
N PRO A 455 -19.60 26.14 30.79
CA PRO A 455 -20.95 26.46 31.24
C PRO A 455 -21.07 26.52 32.74
N GLU A 456 -20.65 25.48 33.43
CA GLU A 456 -20.91 25.39 34.86
C GLU A 456 -20.18 26.47 35.61
N CYS A 457 -19.01 26.81 35.11
CA CYS A 457 -18.12 27.74 35.75
C CYS A 457 -18.65 29.17 35.63
N LEU A 458 -19.00 29.57 34.41
CA LEU A 458 -19.59 30.87 34.20
C LEU A 458 -21.01 30.97 34.80
N ASP A 459 -21.70 29.84 34.94
CA ASP A 459 -23.03 29.83 35.56
C ASP A 459 -22.95 30.13 37.04
N GLY A 460 -21.82 29.79 37.63
CA GLY A 460 -21.61 29.94 39.07
C GLY A 460 -21.07 31.32 39.41
N ALA A 461 -20.71 32.05 38.36
CA ALA A 461 -20.04 33.33 38.45
C ALA A 461 -20.98 34.43 38.07
N GLN A 462 -21.99 34.11 37.26
CA GLN A 462 -22.85 35.15 36.69
C GLN A 462 -23.63 36.01 37.70
N HIS A 463 -23.79 35.51 38.93
CA HIS A 463 -24.46 36.28 39.99
C HIS A 463 -23.72 37.55 40.37
N PHE A 464 -22.51 37.75 39.83
CA PHE A 464 -21.79 38.99 40.05
C PHE A 464 -21.45 39.75 38.79
N LEU A 465 -22.18 39.44 37.73
CA LEU A 465 -22.18 40.23 36.51
C LEU A 465 -23.38 41.18 36.60
N LYS A 466 -23.12 42.49 36.42
CA LYS A 466 -24.20 43.50 36.48
C LYS A 466 -25.35 43.14 35.55
N ASP A 467 -26.57 43.47 35.98
CA ASP A 467 -27.80 43.10 35.27
C ASP A 467 -27.75 43.26 33.74
N ASP A 468 -26.85 44.11 33.27
CA ASP A 468 -26.72 44.42 31.85
C ASP A 468 -25.29 44.13 31.41
N GLY A 469 -24.62 43.23 32.13
CA GLY A 469 -23.19 42.96 31.90
C GLY A 469 -22.99 42.12 30.66
N VAL A 470 -21.79 42.21 30.09
CA VAL A 470 -21.40 41.38 28.94
C VAL A 470 -20.52 40.22 29.44
N SER A 471 -20.78 39.03 28.90
CA SER A 471 -19.82 37.91 29.00
C SER A 471 -18.92 37.86 27.77
N ILE A 472 -17.65 37.63 28.00
CA ILE A 472 -16.80 37.26 26.90
C ILE A 472 -16.12 35.92 27.24
N PRO A 473 -16.46 34.87 26.48
CA PRO A 473 -17.22 34.95 25.24
C PRO A 473 -18.73 35.00 25.46
N GLY A 474 -19.44 35.43 24.42
CA GLY A 474 -20.91 35.51 24.45
C GLY A 474 -21.62 34.18 24.22
N GLU A 475 -21.11 33.37 23.30
CA GLU A 475 -21.64 32.00 23.08
C GLU A 475 -20.60 31.06 22.47
N TYR A 476 -20.87 29.77 22.54
CA TYR A 476 -20.06 28.79 21.80
C TYR A 476 -20.91 27.63 21.29
N THR A 477 -20.43 27.01 20.23
CA THR A 477 -21.17 25.93 19.62
C THR A 477 -20.15 24.87 19.20
N SER A 478 -20.47 23.63 19.57
CA SER A 478 -19.68 22.48 19.16
C SER A 478 -20.21 21.91 17.86
N PHE A 479 -19.38 21.10 17.21
CA PHE A 479 -19.72 20.52 15.93
C PHE A 479 -19.22 19.09 15.85
N LEU A 480 -19.78 18.33 14.93
CA LEU A 480 -19.32 16.94 14.73
C LEU A 480 -19.37 16.56 13.27
N ALA A 481 -18.40 15.76 12.86
CA ALA A 481 -18.37 15.14 11.54
C ALA A 481 -17.99 13.65 11.71
N PRO A 482 -18.62 12.76 10.93
CA PRO A 482 -18.17 11.37 11.02
C PRO A 482 -16.89 11.22 10.25
N ILE A 483 -16.02 10.32 10.68
CA ILE A 483 -14.79 10.06 9.96
C ILE A 483 -14.49 8.57 9.77
N SER A 484 -13.61 8.32 8.79
CA SER A 484 -13.02 7.02 8.54
C SER A 484 -11.53 7.09 8.76
N SER A 485 -11.02 6.16 9.55
CA SER A 485 -9.60 6.05 9.77
C SER A 485 -9.35 4.71 10.41
N SER A 486 -8.77 3.78 9.66
CA SER A 486 -8.29 2.57 10.30
C SER A 486 -7.12 2.88 11.18
N LYS A 487 -6.34 3.87 10.80
CA LYS A 487 -5.15 4.23 11.59
C LYS A 487 -5.53 4.63 13.04
N LEU A 488 -6.51 5.52 13.17
CA LEU A 488 -6.90 6.02 14.49
C LEU A 488 -7.70 4.98 15.29
N TYR A 489 -8.49 4.18 14.58
CA TYR A 489 -9.13 3.03 15.18
C TYR A 489 -8.10 2.17 15.92
N ASN A 490 -6.97 1.94 15.25
CA ASN A 490 -5.89 1.19 15.87
C ASN A 490 -5.23 1.87 17.03
N GLU A 491 -5.08 3.19 16.95
CA GLU A 491 -4.46 3.95 18.02
C GLU A 491 -5.31 3.84 19.26
N VAL A 492 -6.61 4.04 19.12
CA VAL A 492 -7.52 3.89 20.27
C VAL A 492 -7.43 2.48 20.82
N ARG A 493 -7.55 1.47 19.96
CA ARG A 493 -7.39 0.08 20.35
C ARG A 493 -6.15 -0.10 21.22
N ALA A 494 -5.03 0.46 20.75
CA ALA A 494 -3.75 0.32 21.46
C ALA A 494 -3.77 0.97 22.83
N CYS A 495 -4.84 1.69 23.17
CA CYS A 495 -4.94 2.36 24.46
C CYS A 495 -5.55 1.52 25.56
N ARG A 496 -5.70 0.20 25.35
CA ARG A 496 -6.22 -0.68 26.39
C ARG A 496 -5.24 -0.78 27.57
N GLU A 497 -5.75 -0.69 28.79
CA GLU A 497 -4.95 -0.82 30.01
C GLU A 497 -5.40 -1.97 30.87
N LYS A 498 -4.47 -2.48 31.67
CA LYS A 498 -4.76 -3.36 32.79
C LYS A 498 -5.69 -2.71 33.85
N ASP A 499 -6.42 -3.54 34.57
CA ASP A 499 -7.20 -3.05 35.72
C ASP A 499 -8.33 -2.06 35.38
N ARG A 500 -8.89 -2.19 34.18
CA ARG A 500 -10.07 -1.43 33.84
C ARG A 500 -10.76 -2.12 32.66
N ASP A 501 -11.95 -1.65 32.33
CA ASP A 501 -12.74 -2.22 31.28
C ASP A 501 -11.89 -2.38 30.01
N PRO A 502 -11.77 -3.62 29.49
CA PRO A 502 -10.98 -3.86 28.28
C PRO A 502 -11.43 -3.06 27.06
N GLU A 503 -12.52 -2.31 27.19
CA GLU A 503 -13.08 -1.54 26.08
C GLU A 503 -13.33 -0.08 26.49
N ALA A 504 -12.84 0.32 27.65
CA ALA A 504 -12.87 1.75 28.02
C ALA A 504 -12.20 2.68 26.99
N GLN A 505 -11.04 2.29 26.42
CA GLN A 505 -10.38 3.13 25.39
C GLN A 505 -11.46 3.74 24.50
N PHE A 506 -12.56 3.01 24.25
CA PHE A 506 -13.45 3.44 23.15
C PHE A 506 -14.52 4.40 23.65
N GLU A 507 -14.54 4.66 24.95
CA GLU A 507 -15.67 5.35 25.57
C GLU A 507 -15.26 6.66 26.21
N MET A 508 -14.29 7.31 25.58
CA MET A 508 -13.76 8.55 26.05
C MET A 508 -13.13 9.27 24.84
N PRO A 509 -13.06 10.62 24.88
CA PRO A 509 -12.68 11.34 23.72
C PRO A 509 -11.18 11.74 23.74
N TYR A 510 -10.57 11.82 22.59
CA TYR A 510 -9.14 12.14 22.56
C TYR A 510 -8.94 13.47 21.89
N VAL A 511 -8.06 14.28 22.41
CA VAL A 511 -7.61 15.47 21.63
C VAL A 511 -6.54 14.98 20.68
N VAL A 512 -6.69 15.25 19.39
CA VAL A 512 -5.74 14.70 18.42
C VAL A 512 -5.68 15.58 17.20
N ARG A 513 -4.47 15.78 16.65
CA ARG A 513 -4.32 16.43 15.35
C ARG A 513 -4.56 15.37 14.26
N LEU A 514 -5.84 15.22 13.91
CA LEU A 514 -6.31 14.23 12.98
C LEU A 514 -5.63 14.47 11.68
N HIS A 515 -5.01 13.42 11.16
CA HIS A 515 -4.21 13.50 9.95
C HIS A 515 -4.56 12.41 8.95
N ASN A 516 -4.25 11.15 9.28
CA ASN A 516 -4.56 10.04 8.38
C ASN A 516 -6.02 9.60 8.61
N PHE A 517 -6.93 10.31 7.95
CA PHE A 517 -8.37 10.07 8.11
C PHE A 517 -9.12 10.63 6.93
N HIS A 518 -10.42 10.33 6.86
CA HIS A 518 -11.28 10.86 5.84
C HIS A 518 -12.53 11.39 6.51
N GLN A 519 -12.96 12.60 6.12
CA GLN A 519 -14.21 13.13 6.66
C GLN A 519 -15.38 12.73 5.79
N LEU A 520 -16.29 11.95 6.37
CA LEU A 520 -17.38 11.35 5.60
C LEU A 520 -18.56 12.27 5.32
N SER A 521 -18.68 13.37 6.07
CA SER A 521 -19.77 14.32 5.82
C SER A 521 -19.36 15.63 6.45
N ALA A 522 -19.94 16.74 6.00
CA ALA A 522 -19.57 18.06 6.52
C ALA A 522 -20.01 18.24 7.98
N PRO A 523 -19.21 18.95 8.81
CA PRO A 523 -19.55 19.06 10.24
C PRO A 523 -20.88 19.77 10.41
N GLN A 524 -21.58 19.48 11.51
CA GLN A 524 -22.86 20.13 11.80
C GLN A 524 -22.92 20.49 13.29
N PRO A 525 -23.67 21.54 13.64
CA PRO A 525 -23.71 22.01 15.04
C PRO A 525 -24.27 20.96 15.97
N CYS A 526 -23.76 20.92 17.20
CA CYS A 526 -24.15 19.90 18.15
C CYS A 526 -24.76 20.57 19.41
N PHE A 527 -23.92 21.21 20.23
CA PHE A 527 -24.37 21.82 21.47
C PHE A 527 -24.02 23.28 21.49
N THR A 528 -24.96 24.11 21.96
CA THR A 528 -24.73 25.56 22.05
C THR A 528 -24.99 26.07 23.47
N PHE A 529 -24.15 26.99 23.93
CA PHE A 529 -24.37 27.64 25.22
C PHE A 529 -24.19 29.13 25.02
N SER A 530 -25.06 29.92 25.67
CA SER A 530 -25.00 31.40 25.68
C SER A 530 -24.67 31.94 27.07
N HIS A 531 -23.90 33.02 27.15
CA HIS A 531 -23.63 33.66 28.45
C HIS A 531 -23.89 35.16 28.40
N PRO A 532 -24.45 35.76 29.46
CA PRO A 532 -25.06 35.15 30.68
C PRO A 532 -26.27 34.31 30.32
N ASN A 533 -26.72 33.48 31.23
CA ASN A 533 -27.85 32.60 30.95
C ASN A 533 -29.00 32.90 31.92
N ARG A 534 -30.00 33.60 31.40
CA ARG A 534 -31.06 34.17 32.21
C ARG A 534 -32.27 33.26 32.22
N ASP A 535 -32.07 31.96 32.03
CA ASP A 535 -33.13 30.98 32.18
C ASP A 535 -33.62 30.91 33.63
N PRO A 536 -34.96 30.88 33.83
CA PRO A 536 -35.51 30.71 35.18
C PRO A 536 -34.96 29.41 35.79
N MET A 537 -35.14 28.31 35.08
CA MET A 537 -34.51 27.02 35.41
C MET A 537 -33.34 26.82 34.44
N ILE A 538 -32.12 26.77 34.98
CA ILE A 538 -30.94 26.50 34.15
C ILE A 538 -30.71 24.98 34.04
N ASP A 539 -30.61 24.48 32.81
CA ASP A 539 -30.22 23.09 32.56
C ASP A 539 -29.12 22.99 31.49
N ASN A 540 -27.95 22.47 31.87
CA ASN A 540 -26.85 22.36 30.91
C ASN A 540 -26.78 21.03 30.17
N ASN A 541 -27.51 20.03 30.66
CA ASN A 541 -27.74 18.78 29.97
C ASN A 541 -28.27 19.02 28.57
N ARG A 542 -28.08 18.04 27.69
CA ARG A 542 -28.44 18.21 26.28
C ARG A 542 -28.67 16.85 25.68
N TYR A 543 -29.35 16.85 24.55
CA TYR A 543 -29.55 15.70 23.72
C TYR A 543 -29.77 16.26 22.34
N CYS A 544 -29.05 15.73 21.37
CA CYS A 544 -29.07 16.21 19.99
C CYS A 544 -29.04 15.03 19.07
N THR A 545 -29.76 15.10 17.95
CA THR A 545 -29.69 14.06 16.95
C THR A 545 -29.14 14.62 15.63
N LEU A 546 -28.04 14.05 15.12
CA LEU A 546 -27.56 14.48 13.81
C LEU A 546 -27.72 13.42 12.76
N GLU A 547 -27.82 13.90 11.52
CA GLU A 547 -28.06 13.08 10.34
C GLU A 547 -27.07 13.46 9.24
N PHE A 548 -26.16 12.53 8.98
CA PHE A 548 -25.02 12.77 8.12
C PHE A 548 -25.15 12.08 6.79
N PRO A 549 -25.40 12.85 5.70
CA PRO A 549 -25.47 12.30 4.35
C PRO A 549 -24.11 11.80 3.99
N VAL A 550 -24.02 10.56 3.53
CA VAL A 550 -22.75 9.99 3.15
C VAL A 550 -22.80 9.52 1.69
N GLU A 551 -21.79 9.94 0.91
CA GLU A 551 -21.76 9.68 -0.51
C GLU A 551 -20.50 8.97 -1.06
N VAL A 552 -19.86 8.18 -0.23
CA VAL A 552 -18.93 7.17 -0.71
C VAL A 552 -19.26 5.90 0.05
N ASN A 553 -18.62 4.79 -0.31
CA ASN A 553 -18.73 3.60 0.49
C ASN A 553 -17.55 3.67 1.43
N THR A 554 -17.71 3.22 2.69
CA THR A 554 -16.65 3.42 3.71
C THR A 554 -16.89 2.67 5.04
N VAL A 555 -16.00 2.91 6.01
CA VAL A 555 -16.19 2.44 7.37
C VAL A 555 -16.02 3.55 8.36
N LEU A 556 -17.02 3.73 9.22
CA LEU A 556 -17.05 4.77 10.24
C LEU A 556 -16.31 4.26 11.45
N HIS A 557 -15.32 5.02 11.91
CA HIS A 557 -14.58 4.62 13.11
C HIS A 557 -14.71 5.65 14.20
N GLY A 558 -15.39 6.76 13.92
CA GLY A 558 -15.37 7.86 14.90
C GLY A 558 -16.08 9.12 14.50
N PHE A 559 -16.19 10.03 15.46
CA PHE A 559 -16.63 11.40 15.17
C PHE A 559 -15.59 12.44 15.57
N ALA A 560 -15.28 13.34 14.65
CA ALA A 560 -14.40 14.50 14.92
C ALA A 560 -15.23 15.64 15.52
N GLY A 561 -14.80 16.17 16.65
CA GLY A 561 -15.46 17.39 17.16
C GLY A 561 -14.63 18.67 16.90
N TYR A 562 -15.32 19.78 16.68
CA TYR A 562 -14.68 21.07 16.58
C TYR A 562 -15.57 22.05 17.36
N PHE A 563 -15.18 23.34 17.36
CA PHE A 563 -16.08 24.34 17.92
C PHE A 563 -15.85 25.70 17.28
N GLU A 564 -16.82 26.57 17.49
CA GLU A 564 -16.77 27.98 17.13
C GLU A 564 -17.21 28.68 18.36
N THR A 565 -16.72 29.89 18.56
CA THR A 565 -17.21 30.71 19.69
C THR A 565 -17.30 32.14 19.24
N VAL A 566 -18.34 32.80 19.73
CA VAL A 566 -18.51 34.24 19.57
C VAL A 566 -17.99 34.89 20.83
N LEU A 567 -16.88 35.62 20.68
CA LEU A 567 -16.27 36.37 21.76
C LEU A 567 -17.11 37.61 22.03
N TYR A 568 -17.12 38.51 21.05
CA TYR A 568 -17.99 39.67 21.03
C TYR A 568 -18.42 40.00 19.60
N GLN A 569 -19.72 40.17 19.43
CA GLN A 569 -20.32 40.57 18.15
C GLN A 569 -19.81 39.75 16.99
N ASP A 570 -18.86 40.29 16.24
CA ASP A 570 -18.39 39.63 15.04
C ASP A 570 -16.99 39.14 15.23
N ILE A 571 -16.50 39.25 16.47
CA ILE A 571 -15.14 38.81 16.73
C ILE A 571 -15.19 37.37 17.23
N THR A 572 -14.63 36.45 16.44
CA THR A 572 -14.85 35.05 16.73
C THR A 572 -13.59 34.22 16.69
N LEU A 573 -13.68 33.05 17.32
CA LEU A 573 -12.66 32.02 17.21
C LEU A 573 -13.28 30.75 16.64
N SER A 574 -12.51 30.04 15.80
CA SER A 574 -13.01 28.82 15.19
C SER A 574 -11.94 27.75 14.98
N ILE A 575 -12.28 26.49 15.26
CA ILE A 575 -11.47 25.35 14.76
C ILE A 575 -12.23 24.36 13.85
N ARG A 576 -13.47 24.69 13.51
CA ARG A 576 -14.15 24.08 12.40
C ARG A 576 -13.37 24.39 11.13
N PRO A 577 -12.95 23.36 10.37
CA PRO A 577 -12.03 23.65 9.25
C PRO A 577 -12.58 24.56 8.14
N GLU A 578 -13.89 24.72 8.03
CA GLU A 578 -14.49 25.62 7.03
C GLU A 578 -14.20 27.10 7.33
N THR A 579 -14.02 27.40 8.60
CA THR A 579 -13.98 28.75 9.09
C THR A 579 -12.82 28.86 10.08
N HIS A 580 -11.81 28.02 9.90
CA HIS A 580 -10.76 27.89 10.91
C HIS A 580 -10.04 29.21 11.05
N SER A 581 -9.71 29.60 12.27
CA SER A 581 -9.00 30.84 12.52
C SER A 581 -7.55 30.68 12.14
N PRO A 582 -7.07 31.50 11.18
CA PRO A 582 -5.74 31.37 10.61
C PRO A 582 -4.68 31.43 11.69
N GLY A 583 -3.73 30.50 11.67
CA GLY A 583 -2.62 30.50 12.60
C GLY A 583 -2.88 29.96 14.00
N MET A 584 -4.14 29.72 14.34
CA MET A 584 -4.54 29.38 15.71
C MET A 584 -4.28 27.93 16.11
N PHE A 585 -3.14 27.68 16.72
CA PHE A 585 -2.76 26.33 17.09
C PHE A 585 -3.20 25.84 18.48
N SER A 586 -3.90 26.69 19.24
CA SER A 586 -4.23 26.38 20.61
C SER A 586 -5.11 25.16 20.87
N TRP A 587 -6.00 24.82 19.94
CA TRP A 587 -6.87 23.66 20.09
C TRP A 587 -6.79 22.72 18.89
N PHE A 588 -6.54 21.44 19.16
CA PHE A 588 -6.63 20.41 18.14
C PHE A 588 -8.07 19.92 18.18
N PRO A 589 -8.50 19.19 17.14
CA PRO A 589 -9.80 18.54 17.15
C PRO A 589 -9.93 17.46 18.25
N ILE A 590 -11.17 17.15 18.62
CA ILE A 590 -11.40 16.05 19.54
C ILE A 590 -11.85 14.84 18.74
N LEU A 591 -11.51 13.65 19.21
CA LEU A 591 -12.07 12.45 18.60
C LEU A 591 -12.95 11.61 19.55
N PHE A 592 -14.16 11.39 19.09
CA PHE A 592 -15.09 10.51 19.78
C PHE A 592 -15.09 9.19 19.01
N PRO A 593 -14.55 8.11 19.59
CA PRO A 593 -14.45 6.82 18.86
C PRO A 593 -15.71 5.95 19.03
N ILE A 594 -15.80 4.85 18.26
CA ILE A 594 -16.83 3.82 18.48
C ILE A 594 -16.26 2.37 18.62
N LYS A 595 -16.76 1.64 19.61
CA LYS A 595 -16.31 0.28 19.94
C LYS A 595 -16.15 -0.60 18.73
N GLN A 596 -17.03 -0.45 17.75
CA GLN A 596 -16.96 -1.25 16.55
C GLN A 596 -17.12 -0.42 15.31
N PRO A 597 -16.33 -0.69 14.27
CA PRO A 597 -16.47 0.07 13.04
C PRO A 597 -17.75 -0.34 12.36
N ILE A 598 -18.30 0.54 11.53
CA ILE A 598 -19.60 0.31 10.93
C ILE A 598 -19.55 0.58 9.46
N THR A 599 -20.10 -0.36 8.69
CA THR A 599 -20.04 -0.30 7.24
C THR A 599 -21.01 0.74 6.77
N VAL A 600 -20.59 1.57 5.82
CA VAL A 600 -21.49 2.56 5.26
C VAL A 600 -21.42 2.52 3.74
N ARG A 601 -22.58 2.38 3.10
CA ARG A 601 -22.69 2.33 1.66
C ARG A 601 -23.08 3.69 1.12
N GLU A 602 -22.52 4.00 -0.05
CA GLU A 602 -22.82 5.24 -0.75
C GLU A 602 -24.31 5.43 -0.84
N GLY A 603 -24.77 6.64 -0.55
CA GLY A 603 -26.19 6.94 -0.50
C GLY A 603 -26.81 6.93 0.90
N GLN A 604 -26.18 6.24 1.87
CA GLN A 604 -26.75 6.14 3.21
C GLN A 604 -26.57 7.35 4.13
N THR A 605 -27.44 7.42 5.14
CA THR A 605 -27.39 8.47 6.13
C THR A 605 -26.77 7.87 7.38
N ILE A 606 -25.81 8.58 7.97
CA ILE A 606 -25.36 8.22 9.30
C ILE A 606 -26.09 9.05 10.32
N CYS A 607 -26.84 8.40 11.21
CA CYS A 607 -27.47 9.13 12.28
C CYS A 607 -26.74 8.87 13.60
N VAL A 608 -26.17 9.93 14.19
CA VAL A 608 -25.53 9.81 15.50
C VAL A 608 -26.32 10.60 16.52
N ARG A 609 -26.17 10.26 17.79
CA ARG A 609 -26.89 10.93 18.86
C ARG A 609 -25.88 11.25 19.94
N PHE A 610 -25.97 12.43 20.53
CA PHE A 610 -25.05 12.83 21.60
C PHE A 610 -25.86 13.41 22.71
N TRP A 611 -25.53 13.00 23.93
CA TRP A 611 -26.14 13.53 25.12
C TRP A 611 -25.05 14.10 25.98
N ARG A 612 -25.39 15.19 26.68
CA ARG A 612 -24.50 15.79 27.68
C ARG A 612 -25.23 15.58 28.97
N CYS A 613 -24.55 14.97 29.93
CA CYS A 613 -25.18 14.48 31.15
C CYS A 613 -24.41 14.99 32.33
N SER A 614 -25.01 14.92 33.52
CA SER A 614 -24.33 15.45 34.70
C SER A 614 -25.01 15.09 35.99
N ASN A 615 -24.23 15.19 37.07
CA ASN A 615 -24.78 15.22 38.40
C ASN A 615 -24.05 16.36 39.11
N SER A 616 -24.04 16.40 40.43
CA SER A 616 -23.41 17.56 41.10
C SER A 616 -21.88 17.43 41.16
N LYS A 617 -21.38 16.24 40.85
CA LYS A 617 -19.95 15.96 40.94
C LYS A 617 -19.20 16.00 39.61
N LYS A 618 -19.90 15.72 38.50
CA LYS A 618 -19.21 15.50 37.22
C LYS A 618 -20.15 15.61 36.06
N VAL A 619 -19.55 15.91 34.90
CA VAL A 619 -20.28 16.01 33.63
C VAL A 619 -19.69 14.98 32.67
N TRP A 620 -20.46 14.55 31.66
CA TRP A 620 -19.91 13.58 30.69
C TRP A 620 -20.76 13.47 29.47
N TYR A 621 -20.22 12.85 28.42
CA TYR A 621 -20.98 12.55 27.23
C TYR A 621 -21.32 11.05 27.14
N GLU A 622 -22.45 10.79 26.50
CA GLU A 622 -22.80 9.45 26.06
C GLU A 622 -23.21 9.66 24.63
N TRP A 623 -22.96 8.68 23.76
CA TRP A 623 -23.42 8.83 22.37
C TRP A 623 -23.62 7.48 21.76
N ALA A 624 -24.41 7.45 20.68
CA ALA A 624 -24.67 6.25 19.89
C ALA A 624 -24.91 6.57 18.43
N VAL A 625 -24.76 5.56 17.59
CA VAL A 625 -25.06 5.64 16.20
C VAL A 625 -26.31 4.80 16.04
N THR A 626 -27.33 5.36 15.36
CA THR A 626 -28.61 4.70 15.23
C THR A 626 -28.96 4.37 13.78
N ALA A 627 -28.13 4.87 12.84
CA ALA A 627 -28.24 4.52 11.41
C ALA A 627 -26.88 4.60 10.72
N PRO A 628 -26.62 3.71 9.73
CA PRO A 628 -27.53 2.72 9.10
C PRO A 628 -27.76 1.47 9.92
N VAL A 629 -26.93 1.25 10.93
CA VAL A 629 -27.16 0.23 11.95
C VAL A 629 -26.85 0.88 13.28
N CYS A 630 -27.21 0.20 14.37
CA CYS A 630 -27.07 0.74 15.70
C CYS A 630 -25.77 0.23 16.27
N SER A 631 -25.39 0.84 17.37
CA SER A 631 -24.16 0.51 18.02
C SER A 631 -24.55 0.53 19.47
N ALA A 632 -23.70 -0.01 20.32
CA ALA A 632 -23.90 0.17 21.72
C ALA A 632 -23.94 1.65 22.05
N ILE A 633 -24.81 2.01 22.99
CA ILE A 633 -24.71 3.26 23.72
C ILE A 633 -23.33 3.30 24.40
N HIS A 634 -22.64 4.40 24.21
CA HIS A 634 -21.26 4.52 24.64
C HIS A 634 -21.16 5.30 25.92
N ASN A 635 -20.26 4.87 26.78
CA ASN A 635 -20.09 5.57 28.05
C ASN A 635 -21.31 5.77 29.00
N PRO A 636 -22.31 4.86 28.93
CA PRO A 636 -23.53 4.99 29.77
C PRO A 636 -23.18 5.23 31.19
N THR A 637 -23.61 6.33 31.80
CA THR A 637 -23.21 6.64 33.21
C THR A 637 -21.84 7.38 33.38
N GLY A 638 -21.09 7.53 32.31
CA GLY A 638 -19.74 8.10 32.46
C GLY A 638 -18.91 7.09 33.22
N ARG A 639 -19.20 5.81 32.99
CA ARG A 639 -18.45 4.68 33.55
C ARG A 639 -17.01 4.67 33.04
N SER A 640 -16.79 5.13 31.83
CA SER A 640 -15.46 5.08 31.30
C SER A 640 -14.80 6.44 31.34
N TYR A 641 -15.59 7.49 31.53
CA TYR A 641 -15.08 8.84 31.43
C TYR A 641 -16.03 9.90 31.92
N THR A 642 -15.63 10.63 32.95
CA THR A 642 -16.32 11.85 33.38
C THR A 642 -15.32 13.01 33.41
N ILE A 643 -15.84 14.23 33.45
CA ILE A 643 -15.05 15.44 33.69
C ILE A 643 -15.52 16.02 35.01
N GLY A 644 -14.65 16.08 36.02
CA GLY A 644 -15.10 16.46 37.36
C GLY A 644 -15.46 17.91 37.63
N LEU A 645 -16.40 18.13 38.55
CA LEU A 645 -16.84 19.47 38.96
C LEU A 645 -16.10 20.01 40.17
N GLU B 24 36.94 -31.23 -17.63
CA GLU B 24 37.85 -30.08 -17.91
C GLU B 24 38.80 -30.30 -19.10
N TRP B 25 38.77 -31.49 -19.71
CA TRP B 25 39.68 -31.86 -20.83
C TRP B 25 39.70 -30.82 -21.95
N ASN B 26 38.55 -30.20 -22.19
CA ASN B 26 38.42 -29.18 -23.22
C ASN B 26 38.37 -27.77 -22.59
N LEU B 27 37.18 -27.35 -22.13
CA LEU B 27 36.91 -25.99 -21.64
C LEU B 27 37.47 -24.86 -22.53
N PRO B 28 36.78 -24.58 -23.67
CA PRO B 28 37.13 -23.57 -24.68
C PRO B 28 37.23 -22.12 -24.14
N PRO B 29 37.67 -21.15 -24.98
CA PRO B 29 37.73 -19.75 -24.51
C PRO B 29 36.35 -19.20 -24.23
N ASN B 30 36.28 -18.14 -23.41
CA ASN B 30 35.02 -17.46 -23.06
C ASN B 30 34.06 -18.30 -22.20
N ALA B 31 34.19 -19.62 -22.28
CA ALA B 31 33.40 -20.56 -21.48
C ALA B 31 33.81 -20.47 -20.01
N PRO B 32 32.81 -20.41 -19.10
CA PRO B 32 33.15 -20.37 -17.68
C PRO B 32 33.48 -21.77 -17.14
N ALA B 33 34.30 -21.80 -16.08
CA ALA B 33 34.78 -23.05 -15.49
C ALA B 33 33.66 -23.95 -14.95
N CYS B 34 32.59 -23.32 -14.46
CA CYS B 34 31.49 -24.06 -13.85
C CYS B 34 30.09 -23.72 -14.39
N MET B 35 29.34 -24.78 -14.65
CA MET B 35 27.97 -24.64 -15.10
C MET B 35 27.00 -24.65 -13.93
N GLU B 36 26.21 -23.58 -13.82
CA GLU B 36 25.21 -23.40 -12.75
C GLU B 36 24.26 -24.61 -12.62
N ARG B 37 23.89 -24.92 -11.39
CA ARG B 37 23.24 -26.20 -11.07
C ARG B 37 21.89 -26.42 -11.75
N GLN B 38 21.12 -25.35 -11.93
CA GLN B 38 19.74 -25.53 -12.40
C GLN B 38 19.59 -25.47 -13.91
N LEU B 39 19.62 -26.65 -14.52
CA LEU B 39 19.40 -26.82 -15.95
C LEU B 39 17.97 -26.46 -16.34
N GLU B 40 17.84 -25.42 -17.15
CA GLU B 40 16.54 -24.89 -17.53
C GLU B 40 16.00 -25.40 -18.87
N ALA B 41 16.87 -25.51 -19.88
CA ALA B 41 16.44 -25.84 -21.24
C ALA B 41 17.42 -26.70 -22.04
N ALA B 42 16.87 -27.52 -22.94
CA ALA B 42 17.63 -28.36 -23.85
C ALA B 42 16.93 -28.42 -25.22
N ARG B 43 17.67 -28.08 -26.28
CA ARG B 43 17.15 -28.00 -27.66
C ARG B 43 18.17 -28.47 -28.69
N TYR B 44 17.84 -29.54 -29.41
CA TYR B 44 18.66 -30.00 -30.54
C TYR B 44 18.53 -29.10 -31.78
N ARG B 45 19.68 -28.65 -32.29
CA ARG B 45 19.81 -28.03 -33.63
C ARG B 45 19.52 -29.11 -34.69
N SER B 46 19.25 -28.71 -35.93
CA SER B 46 19.00 -29.70 -37.00
C SER B 46 20.26 -30.54 -37.30
N ASP B 47 21.43 -29.92 -37.21
CA ASP B 47 22.70 -30.63 -37.43
C ASP B 47 23.03 -31.73 -36.39
N GLY B 48 22.30 -31.76 -35.26
CA GLY B 48 22.48 -32.81 -34.22
C GLY B 48 23.12 -32.40 -32.89
N ALA B 49 23.55 -31.14 -32.80
CA ALA B 49 24.17 -30.58 -31.60
C ALA B 49 23.15 -30.12 -30.54
N LEU B 50 23.57 -30.09 -29.27
CA LEU B 50 22.67 -29.76 -28.15
C LEU B 50 22.93 -28.41 -27.47
N LEU B 51 21.90 -27.57 -27.50
CA LEU B 51 21.89 -26.29 -26.79
C LEU B 51 21.41 -26.49 -25.34
N LEU B 52 22.06 -25.76 -24.43
CA LEU B 52 21.79 -25.81 -23.00
C LEU B 52 21.63 -24.43 -22.41
N GLY B 53 20.52 -24.22 -21.69
CA GLY B 53 20.32 -23.03 -20.87
C GLY B 53 20.37 -23.47 -19.43
N ALA B 54 21.00 -22.66 -18.57
CA ALA B 54 21.00 -22.98 -17.13
C ALA B 54 21.06 -21.73 -16.25
N SER B 55 20.48 -21.85 -15.07
CA SER B 55 20.40 -20.75 -14.13
C SER B 55 20.99 -21.19 -12.80
N SER B 56 21.55 -20.20 -12.11
CA SER B 56 21.88 -20.29 -10.69
C SER B 56 20.73 -19.69 -9.85
N LEU B 57 19.97 -20.55 -9.18
CA LEU B 57 18.75 -20.14 -8.48
C LEU B 57 18.90 -20.05 -6.95
N SER B 58 20.06 -20.48 -6.45
CA SER B 58 20.39 -20.42 -5.03
C SER B 58 21.84 -19.89 -4.93
N GLY B 59 22.45 -19.86 -3.74
CA GLY B 59 23.84 -19.37 -3.61
C GLY B 59 24.11 -17.88 -3.84
N ARG B 60 25.39 -17.49 -3.69
CA ARG B 60 25.82 -16.09 -3.69
C ARG B 60 25.41 -15.30 -4.94
N CYS B 61 25.55 -15.93 -6.10
CA CYS B 61 25.36 -15.26 -7.38
CA CYS B 61 25.35 -15.26 -7.38
C CYS B 61 24.17 -15.85 -8.16
N TRP B 62 23.24 -14.99 -8.54
CA TRP B 62 22.04 -15.44 -9.23
C TRP B 62 22.10 -15.13 -10.70
N ALA B 63 22.55 -16.12 -11.45
CA ALA B 63 22.91 -15.85 -12.84
C ALA B 63 22.57 -17.05 -13.71
N GLY B 64 23.14 -17.05 -14.90
CA GLY B 64 22.93 -18.11 -15.86
C GLY B 64 23.95 -18.10 -16.98
N SER B 65 23.90 -19.17 -17.76
CA SER B 65 24.91 -19.43 -18.76
C SER B 65 24.32 -20.21 -19.92
N LEU B 66 24.99 -20.11 -21.09
CA LEU B 66 24.57 -20.76 -22.34
C LEU B 66 25.64 -21.75 -22.85
N TRP B 67 25.20 -22.94 -23.28
CA TRP B 67 26.14 -23.98 -23.70
C TRP B 67 25.76 -24.64 -25.03
N LEU B 68 26.78 -24.84 -25.86
CA LEU B 68 26.67 -25.68 -27.05
C LEU B 68 27.54 -26.93 -26.90
N PHE B 69 26.92 -28.08 -27.17
CA PHE B 69 27.55 -29.39 -27.05
C PHE B 69 27.38 -30.14 -28.36
N LYS B 70 28.45 -30.18 -29.17
CA LYS B 70 28.42 -30.92 -30.42
C LYS B 70 28.46 -32.42 -30.15
N ASP B 71 29.03 -32.79 -29.00
CA ASP B 71 28.90 -34.14 -28.44
C ASP B 71 27.78 -34.18 -27.38
N PRO B 72 26.58 -34.66 -27.76
CA PRO B 72 25.45 -34.69 -26.84
C PRO B 72 25.77 -35.53 -25.62
N CYS B 73 26.34 -36.71 -25.82
CA CYS B 73 26.61 -37.63 -24.71
C CYS B 73 27.57 -37.07 -23.66
N ALA B 74 28.32 -36.03 -24.04
CA ALA B 74 29.35 -35.44 -23.18
C ALA B 74 28.78 -34.49 -22.14
N ALA B 75 27.56 -34.02 -22.36
CA ALA B 75 26.96 -33.02 -21.49
C ALA B 75 26.39 -33.71 -20.23
N PRO B 76 26.39 -32.98 -19.08
CA PRO B 76 26.63 -31.54 -18.87
C PRO B 76 28.09 -31.10 -18.65
N ASN B 77 29.02 -32.05 -18.65
CA ASN B 77 30.47 -31.80 -18.45
C ASN B 77 31.04 -30.56 -19.18
N GLU B 78 31.30 -29.49 -18.41
CA GLU B 78 31.88 -28.24 -18.91
C GLU B 78 33.10 -28.47 -19.78
N GLY B 79 33.78 -29.59 -19.51
CA GLY B 79 35.02 -29.94 -20.17
C GLY B 79 34.83 -30.17 -21.63
N PHE B 80 33.99 -31.16 -21.98
CA PHE B 80 33.80 -31.55 -23.38
C PHE B 80 32.68 -30.77 -24.09
N CYS B 81 32.77 -29.44 -24.10
CA CYS B 81 31.77 -28.63 -24.77
C CYS B 81 32.39 -27.87 -25.93
N SER B 82 31.56 -27.51 -26.90
CA SER B 82 32.01 -26.74 -28.07
C SER B 82 32.14 -25.24 -27.77
N ALA B 83 31.15 -24.67 -27.07
CA ALA B 83 31.22 -23.27 -26.58
C ALA B 83 30.41 -23.02 -25.30
N GLY B 84 30.63 -21.86 -24.68
CA GLY B 84 29.95 -21.53 -23.44
C GLY B 84 30.06 -20.06 -23.10
N VAL B 85 29.10 -19.53 -22.34
CA VAL B 85 29.17 -18.14 -21.89
C VAL B 85 28.23 -17.80 -20.71
N GLN B 86 28.72 -16.92 -19.84
CA GLN B 86 27.94 -16.33 -18.74
C GLN B 86 27.00 -15.27 -19.27
N THR B 87 25.73 -15.37 -18.87
CA THR B 87 24.75 -14.29 -19.06
C THR B 87 24.70 -13.43 -17.79
N GLU B 88 24.28 -12.17 -17.94
CA GLU B 88 24.18 -11.20 -16.84
C GLU B 88 23.31 -11.74 -15.71
N ALA B 89 22.14 -12.31 -16.05
CA ALA B 89 21.19 -12.90 -15.11
C ALA B 89 20.82 -14.32 -15.52
N GLY B 90 19.81 -14.87 -14.85
CA GLY B 90 19.43 -16.26 -15.03
C GLY B 90 18.66 -16.37 -16.32
N VAL B 91 18.51 -17.59 -16.82
CA VAL B 91 17.77 -17.78 -18.04
C VAL B 91 16.48 -18.51 -17.70
N ALA B 92 15.37 -17.85 -18.01
CA ALA B 92 14.05 -18.36 -17.74
C ALA B 92 13.54 -19.24 -18.87
N ASP B 93 13.83 -18.87 -20.12
CA ASP B 93 13.53 -19.69 -21.32
C ASP B 93 14.54 -19.34 -22.43
N LEU B 94 14.66 -20.24 -23.40
CA LEU B 94 15.41 -19.97 -24.64
C LEU B 94 14.89 -20.81 -25.80
N THR B 95 15.36 -20.44 -26.99
CA THR B 95 14.98 -21.12 -28.22
C THR B 95 16.05 -20.80 -29.26
N TRP B 96 16.33 -21.80 -30.09
CA TRP B 96 17.16 -21.61 -31.27
C TRP B 96 16.45 -20.62 -32.17
N VAL B 97 17.24 -19.75 -32.79
CA VAL B 97 16.80 -18.87 -33.87
C VAL B 97 17.57 -19.36 -35.10
N GLY B 98 16.90 -20.09 -35.96
CA GLY B 98 17.55 -20.68 -37.11
C GLY B 98 18.65 -21.65 -36.72
N GLU B 99 19.88 -21.30 -37.05
CA GLU B 99 20.95 -22.27 -37.00
C GLU B 99 22.08 -21.84 -36.07
N ARG B 100 22.31 -20.54 -36.02
CA ARG B 100 23.38 -19.96 -35.17
C ARG B 100 22.86 -19.01 -34.09
N GLY B 101 21.55 -18.74 -34.11
CA GLY B 101 20.97 -17.76 -33.21
C GLY B 101 20.43 -18.38 -31.93
N ILE B 102 20.69 -17.69 -30.82
CA ILE B 102 20.17 -18.13 -29.53
C ILE B 102 19.36 -17.00 -28.91
N LEU B 103 18.06 -17.22 -28.75
CA LEU B 103 17.17 -16.21 -28.19
C LEU B 103 16.81 -16.53 -26.73
N VAL B 104 16.95 -15.55 -25.84
CA VAL B 104 16.95 -15.81 -24.40
C VAL B 104 16.04 -14.92 -23.56
N ALA B 105 15.13 -15.57 -22.82
CA ALA B 105 14.22 -14.96 -21.83
C ALA B 105 14.89 -14.77 -20.49
N SER B 106 15.15 -13.53 -20.11
CA SER B 106 15.93 -13.25 -18.92
C SER B 106 15.10 -12.87 -17.68
N ASP B 107 15.65 -13.22 -16.51
CA ASP B 107 15.24 -12.64 -15.24
C ASP B 107 15.29 -11.10 -15.24
N SER B 108 16.28 -10.51 -15.93
CA SER B 108 16.57 -9.07 -15.85
C SER B 108 15.47 -8.22 -16.43
N GLY B 109 14.53 -8.89 -17.12
CA GLY B 109 13.42 -8.24 -17.84
C GLY B 109 13.75 -8.13 -19.33
N ALA B 110 14.97 -8.54 -19.64
CA ALA B 110 15.47 -8.43 -20.98
C ALA B 110 15.16 -9.70 -21.75
N VAL B 111 14.81 -9.51 -23.02
CA VAL B 111 14.96 -10.54 -24.03
C VAL B 111 16.31 -10.28 -24.69
N GLU B 112 17.07 -11.34 -24.92
CA GLU B 112 18.37 -11.16 -25.58
C GLU B 112 18.66 -12.14 -26.72
N LEU B 113 19.36 -11.62 -27.74
CA LEU B 113 19.87 -12.41 -28.86
C LEU B 113 21.36 -12.63 -28.70
N TRP B 114 21.76 -13.90 -28.74
CA TRP B 114 23.17 -14.30 -28.76
C TRP B 114 23.44 -14.98 -30.09
N GLU B 115 24.39 -14.41 -30.83
CA GLU B 115 24.80 -14.93 -32.13
C GLU B 115 25.96 -15.90 -31.93
N LEU B 116 25.80 -17.10 -32.46
CA LEU B 116 26.86 -18.10 -32.42
C LEU B 116 27.94 -17.82 -33.48
N ASP B 117 29.18 -18.05 -33.09
CA ASP B 117 30.41 -17.88 -33.91
C ASP B 117 30.32 -18.42 -35.33
N GLU B 118 31.14 -17.88 -36.23
CA GLU B 118 31.31 -18.47 -37.56
C GLU B 118 32.12 -19.78 -37.48
N ASN B 119 32.98 -19.90 -36.46
CA ASN B 119 33.70 -21.13 -36.16
C ASN B 119 32.94 -22.00 -35.16
N GLU B 120 31.99 -21.36 -34.46
CA GLU B 120 31.09 -21.97 -33.46
C GLU B 120 31.80 -22.43 -32.18
N THR B 121 32.57 -21.50 -31.60
CA THR B 121 33.46 -21.75 -30.46
C THR B 121 33.44 -20.54 -29.51
N LEU B 122 32.78 -19.47 -29.97
CA LEU B 122 32.39 -18.33 -29.14
C LEU B 122 30.86 -18.09 -29.23
N ILE B 123 30.26 -17.65 -28.13
CA ILE B 123 28.87 -17.18 -28.15
C ILE B 123 28.88 -15.73 -27.74
N VAL B 124 28.33 -14.89 -28.60
CA VAL B 124 28.51 -13.43 -28.46
C VAL B 124 27.16 -12.70 -28.45
N SER B 125 27.08 -11.73 -27.54
CA SER B 125 25.88 -10.92 -27.40
C SER B 125 25.61 -10.24 -28.72
N LYS B 126 24.43 -10.49 -29.28
CA LYS B 126 23.98 -9.76 -30.45
C LYS B 126 23.19 -8.50 -29.97
N PHE B 127 22.11 -8.72 -29.22
CA PHE B 127 21.44 -7.60 -28.52
C PHE B 127 20.85 -8.03 -27.18
N CYS B 128 20.69 -7.04 -26.31
CA CYS B 128 20.10 -7.22 -25.00
C CYS B 128 19.15 -6.04 -24.81
N LYS B 129 17.85 -6.27 -25.00
CA LYS B 129 16.90 -5.16 -24.82
C LYS B 129 16.03 -5.31 -23.57
N TYR B 130 16.15 -4.31 -22.69
CA TYR B 130 15.42 -4.25 -21.42
C TYR B 130 14.07 -3.62 -21.66
N GLU B 131 13.12 -4.45 -22.10
CA GLU B 131 11.79 -3.96 -22.47
C GLU B 131 10.64 -4.37 -21.51
N HIS B 132 10.78 -5.52 -20.85
CA HIS B 132 9.79 -6.01 -19.89
C HIS B 132 10.07 -5.45 -18.49
N ASP B 133 9.02 -5.37 -17.68
CA ASP B 133 9.12 -4.76 -16.35
C ASP B 133 9.36 -5.74 -15.20
N ASP B 134 9.31 -7.04 -15.49
CA ASP B 134 9.54 -8.10 -14.52
C ASP B 134 10.30 -9.20 -15.28
N ILE B 135 10.66 -10.27 -14.61
CA ILE B 135 11.18 -11.47 -15.27
C ILE B 135 10.42 -11.80 -16.57
N VAL B 136 11.17 -11.97 -17.66
CA VAL B 136 10.67 -12.54 -18.91
C VAL B 136 10.60 -14.05 -18.77
N SER B 137 9.39 -14.61 -18.81
CA SER B 137 9.28 -16.01 -18.45
C SER B 137 9.23 -16.95 -19.63
N THR B 138 8.82 -16.46 -20.80
CA THR B 138 8.55 -17.33 -21.96
C THR B 138 8.88 -16.70 -23.30
N VAL B 139 9.36 -17.53 -24.23
CA VAL B 139 9.73 -17.03 -25.55
C VAL B 139 9.65 -18.09 -26.63
N SER B 140 9.04 -17.70 -27.76
CA SER B 140 8.84 -18.57 -28.91
C SER B 140 9.19 -17.84 -30.19
N VAL B 141 9.79 -18.55 -31.15
CA VAL B 141 10.11 -17.98 -32.47
C VAL B 141 8.97 -18.23 -33.46
N LEU B 142 8.54 -17.18 -34.13
CA LEU B 142 7.50 -17.29 -35.17
C LEU B 142 8.06 -17.92 -36.45
N SER B 143 7.18 -18.64 -37.17
CA SER B 143 7.60 -19.51 -38.28
C SER B 143 8.57 -18.90 -39.32
N SER B 144 8.38 -17.64 -39.68
CA SER B 144 9.30 -16.96 -40.61
C SER B 144 10.75 -17.04 -40.11
N GLY B 145 10.91 -16.90 -38.80
CA GLY B 145 12.21 -16.88 -38.16
C GLY B 145 12.77 -15.47 -38.07
N THR B 146 11.97 -14.47 -38.42
CA THR B 146 12.46 -13.08 -38.44
C THR B 146 11.89 -12.27 -37.27
N GLN B 147 10.94 -12.89 -36.59
CA GLN B 147 10.16 -12.29 -35.49
C GLN B 147 9.95 -13.28 -34.34
N ALA B 148 9.81 -12.72 -33.14
CA ALA B 148 9.45 -13.57 -32.00
C ALA B 148 8.48 -12.88 -31.04
N VAL B 149 7.72 -13.71 -30.33
CA VAL B 149 6.86 -13.25 -29.22
C VAL B 149 7.43 -13.68 -27.85
N SER B 150 7.52 -12.71 -26.94
CA SER B 150 7.94 -12.96 -25.56
C SER B 150 6.82 -12.70 -24.57
N GLY B 151 6.77 -13.50 -23.50
CA GLY B 151 5.80 -13.37 -22.40
C GLY B 151 6.47 -13.15 -21.04
N SER B 152 5.97 -12.18 -20.30
CA SER B 152 6.56 -11.80 -19.01
C SER B 152 5.62 -11.94 -17.79
N LYS B 153 6.19 -11.79 -16.60
CA LYS B 153 5.41 -11.67 -15.36
C LYS B 153 4.83 -10.29 -15.22
N ASP B 154 5.26 -9.37 -16.07
CA ASP B 154 4.69 -8.02 -16.09
C ASP B 154 3.34 -8.02 -16.81
N ILE B 155 2.85 -9.22 -17.13
CA ILE B 155 1.51 -9.46 -17.72
C ILE B 155 1.45 -9.16 -19.24
N CYS B 156 2.51 -8.54 -19.77
CA CYS B 156 2.57 -8.22 -21.20
C CYS B 156 3.01 -9.38 -22.10
N ILE B 157 2.59 -9.29 -23.36
CA ILE B 157 3.15 -10.09 -24.43
C ILE B 157 3.74 -9.10 -25.46
N LYS B 158 4.94 -9.39 -25.97
CA LYS B 158 5.62 -8.47 -26.89
C LYS B 158 6.08 -9.15 -28.18
N VAL B 159 5.87 -8.49 -29.31
CA VAL B 159 6.29 -9.02 -30.62
C VAL B 159 7.52 -8.27 -31.18
N TRP B 160 8.56 -9.04 -31.48
CA TRP B 160 9.88 -8.49 -31.79
C TRP B 160 10.30 -8.61 -33.27
N ASP B 161 10.92 -7.56 -33.80
CA ASP B 161 11.72 -7.68 -35.04
C ASP B 161 13.17 -7.99 -34.66
N LEU B 162 13.58 -9.23 -34.96
CA LEU B 162 14.90 -9.71 -34.57
C LEU B 162 16.05 -9.01 -35.30
N ALA B 163 15.88 -8.73 -36.59
CA ALA B 163 16.88 -8.03 -37.40
C ALA B 163 16.99 -6.55 -36.98
N GLN B 164 15.86 -5.96 -36.61
CA GLN B 164 15.80 -4.55 -36.23
C GLN B 164 16.08 -4.28 -34.74
N GLN B 165 16.02 -5.35 -33.94
CA GLN B 165 16.23 -5.24 -32.49
C GLN B 165 15.21 -4.31 -31.83
N VAL B 166 13.93 -4.50 -32.18
CA VAL B 166 12.86 -3.68 -31.62
C VAL B 166 11.55 -4.43 -31.35
N VAL B 167 10.79 -3.91 -30.39
CA VAL B 167 9.44 -4.36 -30.11
C VAL B 167 8.53 -3.65 -31.08
N LEU B 168 7.81 -4.42 -31.89
CA LEU B 168 6.86 -3.84 -32.84
C LEU B 168 5.52 -3.57 -32.18
N SER B 169 5.06 -4.57 -31.42
CA SER B 169 3.77 -4.55 -30.72
C SER B 169 3.88 -4.98 -29.24
N SER B 170 3.13 -4.30 -28.39
CA SER B 170 2.99 -4.67 -26.97
C SER B 170 1.52 -4.96 -26.61
N TYR B 171 1.26 -6.10 -25.98
CA TYR B 171 -0.12 -6.48 -25.63
C TYR B 171 -0.33 -6.82 -24.15
N ARG B 172 -1.13 -6.01 -23.45
CA ARG B 172 -1.61 -6.34 -22.11
C ARG B 172 -2.95 -7.05 -22.23
N ALA B 173 -2.95 -8.28 -22.73
CA ALA B 173 -4.23 -8.94 -22.96
C ALA B 173 -4.73 -9.63 -21.71
N HIS B 174 -3.76 -10.09 -20.91
CA HIS B 174 -3.98 -10.90 -19.72
C HIS B 174 -4.14 -10.11 -18.41
N ALA B 175 -4.58 -10.83 -17.38
CA ALA B 175 -4.86 -10.20 -16.09
C ALA B 175 -3.94 -10.65 -14.95
N ALA B 176 -3.12 -11.66 -15.24
CA ALA B 176 -2.09 -12.11 -14.34
C ALA B 176 -0.84 -12.48 -15.18
N GLN B 177 0.17 -13.06 -14.56
CA GLN B 177 1.43 -13.27 -15.25
C GLN B 177 1.31 -14.32 -16.35
N VAL B 178 2.00 -14.08 -17.46
CA VAL B 178 1.99 -15.00 -18.60
C VAL B 178 2.96 -16.15 -18.35
N THR B 179 2.52 -17.38 -18.64
CA THR B 179 3.22 -18.61 -18.31
C THR B 179 3.95 -19.18 -19.53
N CYS B 180 3.37 -19.06 -20.73
N CYS B 180 3.32 -19.05 -20.70
CA CYS B 180 3.88 -19.72 -21.95
CA CYS B 180 3.80 -19.63 -21.96
C CYS B 180 3.28 -19.18 -23.25
C CYS B 180 3.38 -18.73 -23.09
N VAL B 181 4.16 -18.79 -24.18
CA VAL B 181 3.71 -18.29 -25.49
C VAL B 181 4.31 -19.20 -26.53
N ALA B 182 3.46 -19.71 -27.43
CA ALA B 182 3.88 -20.67 -28.44
C ALA B 182 3.43 -20.25 -29.85
N ALA B 183 4.41 -19.89 -30.69
CA ALA B 183 4.19 -19.52 -32.10
C ALA B 183 3.65 -20.68 -32.90
N SER B 184 2.72 -20.40 -33.82
CA SER B 184 2.21 -21.47 -34.67
C SER B 184 3.33 -21.94 -35.58
N PRO B 185 3.31 -23.24 -35.97
CA PRO B 185 4.43 -23.75 -36.76
C PRO B 185 4.57 -23.03 -38.10
N HIS B 186 3.43 -22.63 -38.71
CA HIS B 186 3.44 -22.17 -40.10
C HIS B 186 2.92 -20.76 -40.42
N LYS B 187 2.25 -20.10 -39.48
CA LYS B 187 1.67 -18.78 -39.74
C LYS B 187 2.28 -17.74 -38.82
N ASP B 188 2.86 -16.70 -39.40
CA ASP B 188 3.60 -15.70 -38.62
C ASP B 188 2.79 -14.82 -37.68
N SER B 189 1.49 -14.79 -37.87
CA SER B 189 0.65 -13.85 -37.15
C SER B 189 -0.22 -14.56 -36.13
N VAL B 190 0.01 -15.86 -35.99
CA VAL B 190 -0.72 -16.67 -35.04
C VAL B 190 0.20 -17.25 -33.96
N PHE B 191 -0.27 -17.20 -32.71
CA PHE B 191 0.36 -17.89 -31.57
C PHE B 191 -0.59 -18.12 -30.39
N LEU B 192 -0.26 -19.08 -29.54
CA LEU B 192 -1.01 -19.32 -28.33
C LEU B 192 -0.26 -18.78 -27.15
N SER B 193 -0.95 -18.09 -26.25
CA SER B 193 -0.44 -17.81 -24.90
C SER B 193 -1.40 -18.33 -23.82
N CYS B 194 -0.88 -18.58 -22.63
CA CYS B 194 -1.71 -18.87 -21.47
C CYS B 194 -1.09 -18.27 -20.21
N SER B 195 -1.97 -17.85 -19.30
CA SER B 195 -1.61 -17.05 -18.14
C SER B 195 -2.29 -17.60 -16.88
N GLU B 196 -1.85 -17.10 -15.73
CA GLU B 196 -2.47 -17.50 -14.47
C GLU B 196 -3.79 -16.81 -14.21
N ASP B 197 -4.30 -16.07 -15.20
CA ASP B 197 -5.63 -15.45 -15.11
C ASP B 197 -6.69 -16.41 -15.64
N ASN B 198 -6.29 -17.68 -15.76
CA ASN B 198 -7.08 -18.78 -16.33
C ASN B 198 -7.33 -18.80 -17.86
N ARG B 199 -6.91 -17.76 -18.56
CA ARG B 199 -7.15 -17.65 -20.02
C ARG B 199 -6.11 -18.31 -20.92
N ILE B 200 -6.61 -19.00 -21.94
CA ILE B 200 -5.78 -19.34 -23.11
C ILE B 200 -6.19 -18.50 -24.33
N LEU B 201 -5.30 -17.63 -24.76
CA LEU B 201 -5.58 -16.79 -25.93
C LEU B 201 -4.96 -17.35 -27.23
N LEU B 202 -5.82 -17.49 -28.23
CA LEU B 202 -5.43 -17.72 -29.62
C LEU B 202 -5.28 -16.37 -30.32
N TRP B 203 -4.09 -16.12 -30.85
CA TRP B 203 -3.77 -14.83 -31.37
C TRP B 203 -3.70 -14.89 -32.86
N ASP B 204 -3.94 -13.74 -33.49
CA ASP B 204 -3.84 -13.56 -34.92
C ASP B 204 -3.75 -12.06 -35.09
N THR B 205 -2.53 -11.59 -35.31
CA THR B 205 -2.28 -10.13 -35.32
C THR B 205 -2.90 -9.38 -36.50
N ARG B 206 -3.59 -10.09 -37.38
CA ARG B 206 -4.17 -9.45 -38.54
C ARG B 206 -5.51 -8.81 -38.18
N CYS B 207 -6.23 -9.44 -37.23
CA CYS B 207 -7.44 -8.88 -36.59
C CYS B 207 -7.14 -7.62 -35.78
N PRO B 208 -8.09 -6.67 -35.75
CA PRO B 208 -7.88 -5.45 -34.95
C PRO B 208 -7.95 -5.75 -33.45
N LYS B 209 -8.71 -6.79 -33.09
CA LYS B 209 -8.68 -7.39 -31.77
C LYS B 209 -8.06 -8.78 -31.87
N PRO B 210 -6.73 -8.87 -31.65
CA PRO B 210 -5.86 -10.01 -31.92
C PRO B 210 -6.12 -11.23 -31.08
N ALA B 211 -6.37 -11.06 -29.79
CA ALA B 211 -6.63 -12.24 -28.95
C ALA B 211 -8.06 -12.74 -29.04
N SER B 212 -8.21 -14.04 -28.97
CA SER B 212 -9.52 -14.65 -28.84
C SER B 212 -9.35 -15.65 -27.70
N GLN B 213 -10.16 -15.51 -26.66
CA GLN B 213 -10.11 -16.44 -25.52
C GLN B 213 -10.76 -17.75 -25.91
N ILE B 214 -10.00 -18.83 -25.85
CA ILE B 214 -10.54 -20.06 -26.40
C ILE B 214 -10.42 -21.27 -25.49
N GLY B 215 -10.13 -21.04 -24.21
CA GLY B 215 -9.98 -22.15 -23.28
C GLY B 215 -11.20 -23.04 -23.29
N CYS B 216 -11.04 -24.33 -22.96
CA CYS B 216 -12.17 -25.22 -22.70
C CYS B 216 -12.94 -24.53 -21.56
N SER B 217 -13.98 -23.77 -21.96
CA SER B 217 -14.45 -22.59 -21.22
C SER B 217 -15.26 -22.81 -19.94
N ALA B 218 -15.17 -24.00 -19.35
CA ALA B 218 -15.54 -24.17 -17.95
C ALA B 218 -14.30 -23.84 -17.13
N PRO B 219 -14.28 -22.69 -16.42
CA PRO B 219 -13.14 -22.27 -15.59
C PRO B 219 -12.46 -23.42 -14.80
N GLY B 220 -11.57 -24.15 -15.47
CA GLY B 220 -10.88 -25.30 -14.89
C GLY B 220 -9.63 -24.88 -14.13
N TYR B 221 -8.61 -25.71 -14.23
CA TYR B 221 -7.33 -25.45 -13.57
C TYR B 221 -6.38 -24.65 -14.48
N LEU B 222 -5.62 -23.74 -13.87
CA LEU B 222 -4.76 -22.82 -14.61
C LEU B 222 -3.86 -23.51 -15.64
N PRO B 223 -3.91 -23.04 -16.89
CA PRO B 223 -3.08 -23.64 -17.92
C PRO B 223 -1.59 -23.31 -17.72
N THR B 224 -0.72 -24.31 -17.80
CA THR B 224 0.71 -24.12 -17.46
C THR B 224 1.72 -24.44 -18.56
N SER B 225 1.27 -24.98 -19.69
CA SER B 225 2.17 -25.39 -20.80
C SER B 225 1.40 -25.56 -22.12
N LEU B 226 1.99 -25.12 -23.24
CA LEU B 226 1.36 -25.23 -24.58
C LEU B 226 2.25 -25.82 -25.69
N ALA B 227 1.64 -26.56 -26.61
CA ALA B 227 2.34 -27.10 -27.78
C ALA B 227 1.43 -27.36 -28.99
N TRP B 228 1.66 -26.61 -30.06
CA TRP B 228 1.04 -26.89 -31.36
C TRP B 228 1.35 -28.30 -31.87
N HIS B 229 0.39 -28.95 -32.54
CA HIS B 229 0.63 -30.18 -33.29
C HIS B 229 1.45 -29.80 -34.51
N PRO B 230 2.52 -30.56 -34.80
CA PRO B 230 3.40 -30.11 -35.88
C PRO B 230 2.81 -30.32 -37.29
N GLN B 231 1.81 -31.21 -37.41
CA GLN B 231 1.18 -31.55 -38.69
C GLN B 231 -0.13 -30.82 -38.89
N GLN B 232 -1.10 -31.10 -38.01
CA GLN B 232 -2.41 -30.48 -38.10
C GLN B 232 -2.33 -29.09 -37.48
N SER B 233 -2.08 -28.09 -38.32
CA SER B 233 -1.76 -26.72 -37.87
C SER B 233 -2.87 -26.11 -36.98
N GLU B 234 -3.92 -26.88 -36.72
CA GLU B 234 -5.08 -26.41 -35.94
C GLU B 234 -5.46 -27.21 -34.67
N VAL B 235 -4.67 -28.21 -34.31
CA VAL B 235 -4.80 -28.80 -32.97
C VAL B 235 -3.59 -28.44 -32.11
N PHE B 236 -3.84 -28.24 -30.82
CA PHE B 236 -2.75 -28.08 -29.87
C PHE B 236 -3.02 -28.86 -28.62
N VAL B 237 -2.00 -28.94 -27.77
CA VAL B 237 -2.17 -29.48 -26.43
C VAL B 237 -1.86 -28.40 -25.38
N PHE B 238 -2.58 -28.49 -24.26
CA PHE B 238 -2.26 -27.73 -23.05
C PHE B 238 -2.23 -28.62 -21.81
N GLY B 239 -1.28 -28.33 -20.93
CA GLY B 239 -1.20 -29.02 -19.67
C GLY B 239 -1.61 -28.02 -18.61
N ASP B 240 -2.18 -28.50 -17.51
CA ASP B 240 -2.60 -27.61 -16.46
C ASP B 240 -1.79 -27.84 -15.18
N GLU B 241 -1.98 -26.94 -14.22
CA GLU B 241 -1.34 -27.01 -12.90
C GLU B 241 -1.72 -28.26 -12.12
N ASN B 242 -2.72 -28.98 -12.59
CA ASN B 242 -3.15 -30.17 -11.87
C ASN B 242 -2.58 -31.49 -12.41
N GLY B 243 -1.77 -31.44 -13.45
CA GLY B 243 -1.14 -32.65 -14.01
C GLY B 243 -1.86 -33.30 -15.16
N THR B 244 -2.92 -32.66 -15.64
CA THR B 244 -3.71 -33.13 -16.75
C THR B 244 -3.19 -32.56 -18.06
N VAL B 245 -3.09 -33.42 -19.07
CA VAL B 245 -2.77 -32.96 -20.42
C VAL B 245 -4.03 -33.05 -21.25
N SER B 246 -4.27 -32.02 -22.07
CA SER B 246 -5.48 -31.94 -22.88
C SER B 246 -5.21 -31.60 -24.34
N LEU B 247 -5.89 -32.32 -25.22
CA LEU B 247 -5.82 -32.13 -26.67
C LEU B 247 -6.99 -31.26 -27.09
N VAL B 248 -6.72 -30.24 -27.90
CA VAL B 248 -7.79 -29.29 -28.25
C VAL B 248 -7.84 -28.99 -29.73
N ASP B 249 -9.07 -29.02 -30.27
CA ASP B 249 -9.38 -28.55 -31.62
C ASP B 249 -9.82 -27.09 -31.57
N THR B 250 -9.21 -26.24 -32.39
CA THR B 250 -9.55 -24.80 -32.37
C THR B 250 -10.90 -24.46 -33.00
N LYS B 251 -11.33 -25.28 -33.97
CA LYS B 251 -12.56 -24.97 -34.73
C LYS B 251 -13.88 -25.44 -34.10
N SER B 252 -13.87 -26.58 -33.38
CA SER B 252 -15.07 -27.06 -32.65
C SER B 252 -14.98 -26.98 -31.12
N THR B 253 -13.84 -26.49 -30.61
CA THR B 253 -13.60 -26.11 -29.19
C THR B 253 -14.43 -26.81 -28.07
N SER B 254 -14.54 -28.13 -28.17
CA SER B 254 -15.22 -28.97 -27.18
C SER B 254 -14.23 -29.93 -26.49
N CYS B 255 -13.16 -29.34 -25.93
CA CYS B 255 -11.94 -30.04 -25.42
C CYS B 255 -11.92 -31.58 -25.58
N VAL B 256 -11.38 -32.01 -26.72
CA VAL B 256 -11.53 -33.37 -27.26
C VAL B 256 -11.11 -34.50 -26.31
N LEU B 257 -9.86 -34.46 -25.86
CA LEU B 257 -9.31 -35.51 -25.02
C LEU B 257 -8.59 -34.92 -23.83
N SER B 258 -8.51 -35.68 -22.75
CA SER B 258 -7.71 -35.30 -21.59
C SER B 258 -7.34 -36.52 -20.77
N SER B 259 -6.11 -36.54 -20.28
CA SER B 259 -5.67 -37.61 -19.41
C SER B 259 -4.90 -37.04 -18.22
N ALA B 260 -5.14 -37.62 -17.05
CA ALA B 260 -4.36 -37.31 -15.85
C ALA B 260 -2.99 -37.97 -15.96
N VAL B 261 -2.04 -37.23 -16.52
CA VAL B 261 -0.71 -37.77 -16.76
C VAL B 261 0.17 -37.56 -15.52
N HIS B 262 0.02 -36.42 -14.85
CA HIS B 262 0.92 -36.08 -13.73
C HIS B 262 0.24 -35.77 -12.39
N SER B 263 1.04 -35.94 -11.32
CA SER B 263 0.62 -35.65 -9.94
C SER B 263 1.10 -34.27 -9.48
N GLN B 264 1.59 -33.46 -10.41
CA GLN B 264 2.02 -32.11 -10.10
C GLN B 264 1.75 -31.35 -11.37
N CYS B 265 2.01 -30.04 -11.33
CA CYS B 265 1.96 -29.18 -12.49
C CYS B 265 2.66 -29.81 -13.70
N VAL B 266 2.14 -29.57 -14.90
CA VAL B 266 2.80 -29.94 -16.17
C VAL B 266 3.50 -28.72 -16.78
N THR B 267 4.83 -28.76 -16.83
CA THR B 267 5.64 -27.57 -17.18
C THR B 267 6.08 -27.47 -18.65
N GLY B 268 5.97 -28.58 -19.37
CA GLY B 268 6.38 -28.61 -20.78
C GLY B 268 5.73 -29.75 -21.56
N LEU B 269 5.47 -29.46 -22.82
CA LEU B 269 4.89 -30.42 -23.76
C LEU B 269 5.65 -30.35 -25.09
N VAL B 270 6.20 -31.49 -25.52
CA VAL B 270 7.04 -31.56 -26.75
C VAL B 270 6.72 -32.77 -27.64
N PHE B 271 6.34 -32.48 -28.89
CA PHE B 271 6.05 -33.49 -29.90
C PHE B 271 7.32 -34.01 -30.58
N SER B 272 7.37 -35.33 -30.79
CA SER B 272 8.44 -36.01 -31.53
C SER B 272 8.48 -35.55 -32.99
N PRO B 273 9.61 -35.80 -33.68
CA PRO B 273 9.67 -35.43 -35.10
C PRO B 273 9.00 -36.44 -36.07
N HIS B 274 8.57 -37.60 -35.55
CA HIS B 274 7.80 -38.63 -36.30
C HIS B 274 6.59 -38.06 -37.06
N SER B 275 6.26 -38.72 -38.18
CA SER B 275 5.10 -38.33 -39.00
C SER B 275 3.78 -38.68 -38.30
N VAL B 276 3.81 -39.74 -37.49
CA VAL B 276 2.77 -39.99 -36.49
C VAL B 276 3.37 -39.63 -35.14
N PRO B 277 3.22 -38.35 -34.69
CA PRO B 277 4.01 -37.86 -33.57
C PRO B 277 3.58 -38.36 -32.19
N PHE B 278 4.59 -38.62 -31.35
CA PHE B 278 4.41 -38.91 -29.94
C PHE B 278 4.54 -37.60 -29.17
N LEU B 279 3.84 -37.51 -28.04
CA LEU B 279 3.93 -36.32 -27.20
C LEU B 279 4.71 -36.58 -25.92
N ALA B 280 5.81 -35.83 -25.76
CA ALA B 280 6.57 -35.81 -24.51
C ALA B 280 5.92 -34.83 -23.54
N SER B 281 5.98 -35.16 -22.26
CA SER B 281 5.30 -34.39 -21.23
C SER B 281 6.17 -34.40 -19.97
N LEU B 282 6.50 -33.22 -19.47
CA LEU B 282 7.32 -33.12 -18.27
C LEU B 282 6.65 -32.36 -17.12
N SER B 283 7.04 -32.72 -15.90
CA SER B 283 6.32 -32.31 -14.72
C SER B 283 7.22 -31.96 -13.53
N GLU B 284 6.59 -31.39 -12.51
CA GLU B 284 7.25 -31.10 -11.25
C GLU B 284 7.19 -32.30 -10.32
N ASP B 285 6.52 -33.35 -10.80
CA ASP B 285 6.59 -34.62 -10.09
C ASP B 285 7.87 -35.35 -10.49
N CYS B 286 8.72 -34.64 -11.23
CA CYS B 286 10.09 -35.07 -11.55
C CYS B 286 10.08 -36.24 -12.51
N SER B 287 9.02 -36.35 -13.29
CA SER B 287 8.89 -37.47 -14.19
C SER B 287 8.60 -37.04 -15.62
N LEU B 288 9.15 -37.83 -16.55
CA LEU B 288 8.90 -37.73 -17.98
C LEU B 288 7.89 -38.78 -18.40
N ALA B 289 6.93 -38.39 -19.24
CA ALA B 289 6.06 -39.34 -19.92
C ALA B 289 6.08 -39.16 -21.44
N VAL B 290 5.83 -40.25 -22.16
CA VAL B 290 5.60 -40.17 -23.61
C VAL B 290 4.24 -40.80 -23.95
N LEU B 291 3.42 -40.05 -24.68
CA LEU B 291 2.04 -40.41 -24.97
C LEU B 291 1.80 -40.47 -26.47
N ASP B 292 0.85 -41.30 -26.88
CA ASP B 292 0.50 -41.37 -28.29
C ASP B 292 -0.49 -40.27 -28.61
N SER B 293 -0.96 -40.24 -29.85
CA SER B 293 -1.84 -39.17 -30.30
C SER B 293 -3.24 -39.18 -29.62
N SER B 294 -3.58 -40.27 -28.93
CA SER B 294 -4.80 -40.29 -28.13
C SER B 294 -4.48 -40.27 -26.63
N LEU B 295 -3.25 -39.84 -26.33
CA LEU B 295 -2.77 -39.56 -24.97
C LEU B 295 -2.69 -40.74 -24.00
N SER B 296 -2.54 -41.96 -24.56
CA SER B 296 -2.26 -43.15 -23.72
C SER B 296 -0.77 -43.29 -23.46
N GLU B 297 -0.43 -43.72 -22.25
CA GLU B 297 0.96 -43.75 -21.82
C GLU B 297 1.76 -44.88 -22.46
N LEU B 298 2.80 -44.50 -23.21
CA LEU B 298 3.73 -45.44 -23.81
C LEU B 298 4.97 -45.64 -22.93
N PHE B 299 5.44 -44.54 -22.34
CA PHE B 299 6.71 -44.52 -21.59
C PHE B 299 6.59 -43.68 -20.32
N ARG B 300 7.49 -43.90 -19.38
CA ARG B 300 7.56 -43.13 -18.16
C ARG B 300 8.95 -43.21 -17.58
N SER B 301 9.51 -42.08 -17.18
CA SER B 301 10.81 -42.12 -16.55
C SER B 301 10.92 -41.33 -15.25
N GLN B 302 11.34 -42.02 -14.18
CA GLN B 302 11.60 -41.44 -12.87
C GLN B 302 13.07 -41.04 -12.73
N ALA B 303 13.83 -41.15 -13.82
CA ALA B 303 15.27 -40.95 -13.80
C ALA B 303 15.69 -39.66 -13.14
N HIS B 304 14.90 -38.60 -13.30
CA HIS B 304 15.23 -37.37 -12.61
C HIS B 304 14.80 -37.42 -11.15
N ARG B 305 15.59 -36.77 -10.29
CA ARG B 305 15.26 -36.68 -8.88
C ARG B 305 15.06 -35.23 -8.39
N ASP B 306 14.82 -34.34 -9.36
CA ASP B 306 14.34 -32.98 -9.12
C ASP B 306 13.46 -32.64 -10.32
N PHE B 307 12.98 -31.40 -10.41
CA PHE B 307 12.10 -30.97 -11.50
C PHE B 307 12.69 -31.28 -12.87
N VAL B 308 11.83 -31.78 -13.77
CA VAL B 308 12.16 -31.95 -15.20
C VAL B 308 11.80 -30.68 -15.96
N ARG B 309 12.79 -30.08 -16.63
CA ARG B 309 12.61 -28.76 -17.18
C ARG B 309 12.38 -28.64 -18.69
N ASP B 310 12.94 -29.55 -19.46
CA ASP B 310 12.78 -29.52 -20.92
C ASP B 310 12.92 -30.92 -21.50
N ALA B 311 12.48 -31.07 -22.74
CA ALA B 311 12.70 -32.28 -23.50
C ALA B 311 12.98 -31.90 -24.94
N THR B 312 13.96 -32.54 -25.55
CA THR B 312 14.30 -32.30 -26.94
C THR B 312 14.59 -33.63 -27.63
N TRP B 313 13.92 -33.87 -28.74
CA TRP B 313 14.10 -35.12 -29.51
C TRP B 313 15.26 -34.97 -30.47
N SER B 314 16.03 -36.04 -30.63
CA SER B 314 17.14 -36.06 -31.59
C SER B 314 16.65 -35.92 -33.04
N PRO B 315 17.32 -35.05 -33.83
CA PRO B 315 17.02 -34.94 -35.25
C PRO B 315 17.60 -36.14 -36.00
N LEU B 316 18.70 -36.69 -35.48
CA LEU B 316 19.35 -37.86 -36.08
C LEU B 316 18.62 -39.18 -35.73
N ASN B 317 18.46 -39.45 -34.43
CA ASN B 317 17.76 -40.66 -34.00
C ASN B 317 16.41 -40.30 -33.36
N HIS B 318 15.34 -40.76 -34.01
CA HIS B 318 14.00 -40.36 -33.64
C HIS B 318 13.40 -41.13 -32.46
N SER B 319 14.08 -42.16 -31.98
CA SER B 319 13.66 -42.76 -30.73
C SER B 319 14.57 -42.39 -29.55
N LEU B 320 15.43 -41.39 -29.79
CA LEU B 320 16.22 -40.77 -28.74
C LEU B 320 15.54 -39.47 -28.26
N LEU B 321 15.51 -39.29 -26.95
CA LEU B 321 14.94 -38.10 -26.32
C LEU B 321 15.81 -37.65 -25.16
N THR B 322 16.09 -36.36 -25.11
CA THR B 322 16.95 -35.82 -24.07
C THR B 322 16.17 -34.93 -23.11
N THR B 323 16.34 -35.17 -21.81
CA THR B 323 15.75 -34.32 -20.77
C THR B 323 16.81 -33.68 -19.89
N VAL B 324 16.56 -32.45 -19.48
CA VAL B 324 17.33 -31.86 -18.40
C VAL B 324 16.45 -31.60 -17.16
N GLY B 325 17.09 -31.58 -15.99
CA GLY B 325 16.41 -31.26 -14.73
C GLY B 325 17.16 -30.31 -13.81
N TRP B 326 16.54 -29.93 -12.70
CA TRP B 326 17.22 -29.13 -11.70
C TRP B 326 18.16 -29.98 -10.87
N ASP B 327 18.10 -31.29 -11.07
CA ASP B 327 19.07 -32.23 -10.52
C ASP B 327 20.38 -32.23 -11.31
N HIS B 328 20.52 -31.32 -12.28
CA HIS B 328 21.72 -31.19 -13.14
C HIS B 328 22.00 -32.42 -14.05
N GLN B 329 21.07 -33.37 -14.08
CA GLN B 329 21.09 -34.51 -14.98
C GLN B 329 20.66 -34.16 -16.41
N VAL B 330 21.51 -34.53 -17.37
CA VAL B 330 21.16 -34.52 -18.78
C VAL B 330 20.96 -35.98 -19.11
N VAL B 331 19.72 -36.37 -19.38
CA VAL B 331 19.38 -37.81 -19.53
C VAL B 331 18.90 -38.13 -20.95
N HIS B 332 19.43 -39.20 -21.53
CA HIS B 332 19.09 -39.62 -22.91
C HIS B 332 18.24 -40.88 -22.86
N HIS B 333 17.03 -40.79 -23.40
CA HIS B 333 16.03 -41.86 -23.28
C HIS B 333 15.82 -42.59 -24.62
N VAL B 334 15.61 -43.90 -24.55
CA VAL B 334 15.26 -44.71 -25.72
C VAL B 334 13.77 -45.06 -25.67
N VAL B 335 13.03 -44.65 -26.69
CA VAL B 335 11.56 -44.68 -26.64
C VAL B 335 10.91 -45.74 -27.55
N PRO B 336 10.30 -46.78 -26.94
CA PRO B 336 9.61 -47.83 -27.70
C PRO B 336 8.26 -47.37 -28.27
N SFG C . -6.19 33.20 30.57
CA SFG C . -5.21 32.13 30.49
C SFG C . -4.67 32.08 29.10
O SFG C . -5.46 32.28 28.14
OXT SFG C . -3.45 31.87 28.99
CB SFG C . -5.74 30.74 30.92
CG SFG C . -6.94 30.18 30.17
CD SFG C . -7.13 28.72 30.56
NE SFG C . -7.47 27.98 29.37
C5' SFG C . -8.25 28.52 31.60
C4' SFG C . -7.80 28.92 33.01
O4' SFG C . -8.94 28.98 33.86
C3' SFG C . -6.85 27.97 33.72
O3' SFG C . -5.73 28.71 34.24
C2' SFG C . -7.67 27.38 34.86
O2' SFG C . -6.88 26.97 36.00
C1' SFG C . -8.63 28.50 35.17
N9 SFG C . -9.91 28.05 35.72
C8 SFG C . -10.71 27.10 35.21
N7 SFG C . -11.84 26.94 35.96
C5 SFG C . -11.79 27.84 36.94
C6 SFG C . -12.67 28.20 38.06
N6 SFG C . -13.84 27.57 38.24
N1 SFG C . -12.25 29.17 38.89
C2 SFG C . -11.08 29.84 38.66
N3 SFG C . -10.22 29.56 37.66
C4 SFG C . -10.51 28.58 36.78
CAU 5QH D . -5.88 25.90 24.71
CAV 5QH D . -6.02 27.14 25.49
CAW 5QH D . -5.31 27.04 26.69
CBC 5QH D . -4.80 28.20 27.29
CBB 5QH D . -4.09 28.15 28.49
CBA 5QH D . -3.87 26.93 29.12
CAZ 5QH D . -4.37 25.76 28.54
CAX 5QH D . -5.08 25.80 27.33
CAY 5QH D . -5.53 24.60 26.79
NAT 5QH D . -6.27 24.75 25.53
CAS 5QH D . -6.25 23.50 24.75
CAB 5QH D . -7.22 22.49 25.43
OAA 5QH D . -8.39 23.17 25.84
CAC 5QH D . -7.55 21.35 24.47
NAD 5QH D . -6.28 20.63 24.42
CAE 5QH D . -5.96 19.62 25.26
OAF 5QH D . -6.75 19.15 26.08
CAG 5QH D . -4.65 19.12 25.14
CAH 5QH D . -3.67 19.74 24.35
CAL 5QH D . -4.31 17.97 25.85
CAK 5QH D . -3.03 17.42 25.79
CAJ 5QH D . -2.07 18.04 25.01
CAI 5QH D . -2.37 19.20 24.29
CAM 5QH D . -1.36 19.78 23.52
NAN 5QH D . -1.66 20.28 22.30
CAO 5QH D . -0.66 20.87 21.51
CAP 5QH D . 0.65 20.91 22.01
CAQ 5QH D . 0.96 20.40 23.27
CAR 5QH D . -0.05 19.83 24.03
C1 GOL E . 12.29 0.51 5.12
O1 GOL E . 11.07 1.23 5.39
C2 GOL E . 13.47 1.46 5.23
O2 GOL E . 13.10 2.73 4.69
C3 GOL E . 13.79 1.68 6.70
O3 GOL E . 15.14 2.14 6.81
C1 GOL F . -5.81 24.95 10.24
O1 GOL F . -5.77 23.77 9.41
C2 GOL F . -4.63 25.87 9.90
O2 GOL F . -4.13 25.54 8.60
C3 GOL F . -5.06 27.33 9.95
O3 GOL F . -3.93 28.22 9.95
#